data_1RJ8
#
_entry.id   1RJ8
#
_cell.length_a   50.723
_cell.length_b   161.337
_cell.length_c   51.023
_cell.angle_alpha   90.00
_cell.angle_beta   105.24
_cell.angle_gamma   90.00
#
_symmetry.space_group_name_H-M   'P 1 21 1'
#
loop_
_entity.id
_entity.type
_entity.pdbx_description
1 polymer 'ectodysplasin-A isoform EDA-A2'
2 water water
#
_entity_poly.entity_id   1
_entity_poly.type   'polypeptide(L)'
_entity_poly.pdbx_seq_one_letter_code
;GSHMGLQGPSGAADKAGTRENQPAVVHLQGQGSAIQVKNDLSGGVLNDWSRITMNPKVFKLHPRSGELEVLVDGTYFIYS
QVYYINFTDFASYEVVVDEKPFLQCTRSIETGKTNYNTCYTAGVCLLKARQKIAVKMVHADISINMSKHTTFFGAIRLGE
APAS
;
_entity_poly.pdbx_strand_id   A,B,D,E,F,G
#
# COMPACT_ATOMS: atom_id res chain seq x y z
N PRO A 23 -27.97 -8.24 -15.45
CA PRO A 23 -26.82 -7.71 -14.67
C PRO A 23 -26.46 -6.26 -15.02
N ALA A 24 -26.24 -5.45 -13.99
CA ALA A 24 -25.80 -4.08 -14.17
C ALA A 24 -24.30 -4.04 -14.37
N VAL A 25 -23.85 -3.24 -15.33
CA VAL A 25 -22.43 -3.15 -15.61
C VAL A 25 -21.95 -1.71 -15.51
N VAL A 26 -20.63 -1.57 -15.37
CA VAL A 26 -19.97 -0.27 -15.49
C VAL A 26 -18.62 -0.49 -16.13
N HIS A 27 -18.35 0.27 -17.20
CA HIS A 27 -17.02 0.33 -17.80
C HIS A 27 -16.57 1.78 -17.83
N LEU A 28 -15.54 2.07 -17.05
CA LEU A 28 -14.93 3.40 -17.00
C LEU A 28 -13.65 3.36 -17.81
N GLN A 29 -13.41 4.40 -18.60
CA GLN A 29 -12.20 4.52 -19.41
C GLN A 29 -11.41 5.78 -19.06
N GLY A 30 -10.08 5.69 -19.10
CA GLY A 30 -9.24 6.88 -19.04
C GLY A 30 -9.60 7.81 -20.19
N GLN A 31 -9.26 9.09 -20.05
CA GLN A 31 -9.59 10.10 -21.07
C GLN A 31 -8.37 10.55 -21.89
N GLY A 32 -7.27 9.85 -21.76
CA GLY A 32 -6.09 10.11 -22.58
C GLY A 32 -5.00 10.84 -21.81
N SER A 33 -3.93 11.17 -22.51
CA SER A 33 -2.75 11.80 -21.93
C SER A 33 -2.07 10.88 -20.92
N ALA A 34 -1.16 11.41 -20.12
CA ALA A 34 -0.40 10.61 -19.16
C ALA A 34 -0.25 11.31 -17.82
N ILE A 35 0.01 10.50 -16.79
CA ILE A 35 0.25 11.02 -15.47
C ILE A 35 1.59 10.53 -14.96
N GLN A 36 2.30 11.42 -14.28
CA GLN A 36 3.55 11.11 -13.63
C GLN A 36 3.20 10.81 -12.19
N VAL A 37 3.35 9.54 -11.84
CA VAL A 37 2.89 9.00 -10.57
C VAL A 37 3.65 9.54 -9.36
N LYS A 38 4.85 10.09 -9.59
CA LYS A 38 5.67 10.65 -8.50
C LYS A 38 5.00 11.80 -7.74
N ASN A 39 4.04 12.47 -8.38
CA ASN A 39 3.29 13.56 -7.76
C ASN A 39 2.47 13.15 -6.52
N ASP A 40 1.96 11.92 -6.52
CA ASP A 40 1.17 11.39 -5.39
C ASP A 40 -0.03 12.29 -5.06
N LEU A 41 -0.71 12.79 -6.08
CA LEU A 41 -1.91 13.58 -5.89
C LEU A 41 -3.04 12.66 -5.46
N SER A 42 -3.79 13.09 -4.44
CA SER A 42 -4.91 12.32 -3.89
C SER A 42 -4.50 10.90 -3.49
N GLY A 43 -3.31 10.76 -2.91
CA GLY A 43 -2.81 9.49 -2.42
C GLY A 43 -2.66 8.38 -3.46
N GLY A 44 -2.41 8.76 -4.72
CA GLY A 44 -2.28 7.79 -5.80
C GLY A 44 -3.57 7.29 -6.41
N VAL A 45 -4.71 7.76 -5.90
CA VAL A 45 -6.02 7.33 -6.39
C VAL A 45 -6.32 7.97 -7.73
N LEU A 46 -6.48 7.15 -8.76
CA LEU A 46 -6.84 7.59 -10.10
C LEU A 46 -8.26 8.13 -10.15
N ASN A 47 -8.44 9.25 -10.84
CA ASN A 47 -9.74 9.91 -10.92
C ASN A 47 -10.05 10.47 -12.32
N ASP A 48 -9.34 10.00 -13.35
CA ASP A 48 -9.53 10.51 -14.72
C ASP A 48 -10.59 9.75 -15.50
N TRP A 49 -11.57 9.18 -14.80
CA TRP A 49 -12.44 8.20 -15.42
C TRP A 49 -13.57 8.83 -16.24
N SER A 50 -13.67 8.42 -17.50
CA SER A 50 -14.82 8.69 -18.35
C SER A 50 -15.82 7.56 -18.12
N ARG A 51 -17.09 7.91 -18.04
CA ARG A 51 -18.15 6.98 -17.65
C ARG A 51 -19.03 6.65 -18.85
N ILE A 52 -18.54 5.75 -19.70
CA ILE A 52 -19.16 5.49 -21.01
C ILE A 52 -20.38 4.58 -20.86
N THR A 53 -20.21 3.47 -20.14
CA THR A 53 -21.30 2.56 -19.80
C THR A 53 -21.38 2.52 -18.29
N MET A 54 -22.56 2.82 -17.75
CA MET A 54 -22.75 2.75 -16.31
C MET A 54 -24.23 2.70 -15.97
N ASN A 55 -24.68 1.54 -15.49
CA ASN A 55 -26.02 1.42 -14.96
C ASN A 55 -26.15 2.36 -13.75
N PRO A 56 -26.97 3.42 -13.86
CA PRO A 56 -27.07 4.43 -12.79
C PRO A 56 -27.82 3.97 -11.54
N LYS A 57 -28.54 2.86 -11.63
CA LYS A 57 -29.29 2.30 -10.52
C LYS A 57 -28.44 1.43 -9.60
N VAL A 58 -27.24 1.07 -10.08
CA VAL A 58 -26.29 0.21 -9.36
C VAL A 58 -24.94 0.90 -9.09
N PHE A 59 -24.54 1.82 -9.96
CA PHE A 59 -23.21 2.43 -9.88
C PHE A 59 -23.25 3.96 -9.95
N LYS A 60 -22.38 4.58 -9.14
CA LYS A 60 -22.12 6.01 -9.20
C LYS A 60 -20.62 6.26 -9.22
N LEU A 61 -20.16 7.12 -10.11
CA LEU A 61 -18.78 7.57 -10.15
C LEU A 61 -18.67 8.96 -9.53
N HIS A 62 -17.71 9.14 -8.62
CA HIS A 62 -17.38 10.45 -8.07
C HIS A 62 -16.23 11.00 -8.91
N PRO A 63 -16.43 12.05 -9.70
CA PRO A 63 -15.38 12.53 -10.61
C PRO A 63 -14.10 13.08 -9.96
N ARG A 64 -14.17 13.65 -8.76
CA ARG A 64 -12.97 14.20 -8.10
C ARG A 64 -12.14 13.13 -7.41
N SER A 65 -12.79 12.26 -6.65
CA SER A 65 -12.09 11.25 -5.84
C SER A 65 -11.74 10.00 -6.63
N GLY A 66 -12.44 9.76 -7.73
CA GLY A 66 -12.25 8.58 -8.57
C GLY A 66 -12.84 7.31 -8.00
N GLU A 67 -13.67 7.45 -6.96
CA GLU A 67 -14.28 6.31 -6.32
C GLU A 67 -15.48 5.85 -7.11
N LEU A 68 -15.58 4.54 -7.30
CA LEU A 68 -16.75 3.91 -7.90
C LEU A 68 -17.61 3.36 -6.77
N GLU A 69 -18.76 3.97 -6.53
CA GLU A 69 -19.66 3.55 -5.45
C GLU A 69 -20.77 2.63 -5.96
N VAL A 70 -20.95 1.50 -5.28
CA VAL A 70 -22.08 0.62 -5.55
C VAL A 70 -23.25 1.13 -4.74
N LEU A 71 -24.43 1.13 -5.35
CA LEU A 71 -25.61 1.75 -4.77
C LEU A 71 -26.51 0.72 -4.11
N VAL A 72 -26.25 -0.57 -4.36
CA VAL A 72 -27.04 -1.67 -3.78
C VAL A 72 -26.14 -2.83 -3.34
N ASP A 73 -26.62 -3.63 -2.39
CA ASP A 73 -25.95 -4.87 -2.00
C ASP A 73 -25.81 -5.78 -3.20
N GLY A 74 -24.79 -6.64 -3.21
CA GLY A 74 -24.67 -7.63 -4.27
C GLY A 74 -23.32 -8.31 -4.43
N THR A 75 -23.30 -9.29 -5.33
CA THR A 75 -22.08 -9.97 -5.75
C THR A 75 -21.51 -9.23 -6.95
N TYR A 76 -20.28 -8.74 -6.82
CA TYR A 76 -19.61 -7.93 -7.85
C TYR A 76 -18.29 -8.53 -8.36
N PHE A 77 -18.20 -8.70 -9.67
CA PHE A 77 -16.92 -8.95 -10.35
C PHE A 77 -16.28 -7.60 -10.67
N ILE A 78 -15.09 -7.34 -10.16
CA ILE A 78 -14.39 -6.07 -10.33
C ILE A 78 -13.10 -6.28 -11.12
N TYR A 79 -12.85 -5.41 -12.10
CA TYR A 79 -11.64 -5.48 -12.90
C TYR A 79 -11.02 -4.10 -13.15
N SER A 80 -9.74 -4.12 -13.53
CA SER A 80 -8.99 -2.90 -13.80
C SER A 80 -7.77 -3.18 -14.68
N GLN A 81 -7.41 -2.20 -15.50
CA GLN A 81 -6.17 -2.26 -16.26
C GLN A 81 -5.51 -0.88 -16.22
N VAL A 82 -4.22 -0.85 -15.90
CA VAL A 82 -3.46 0.40 -15.93
C VAL A 82 -2.27 0.21 -16.87
N TYR A 83 -2.06 1.18 -17.76
CA TYR A 83 -0.98 1.10 -18.74
C TYR A 83 0.29 1.81 -18.21
N TYR A 84 1.22 1.02 -17.69
CA TYR A 84 2.55 1.50 -17.31
C TYR A 84 3.39 1.72 -18.57
N ILE A 85 3.67 2.98 -18.89
CA ILE A 85 4.42 3.33 -20.11
C ILE A 85 5.89 3.65 -19.92
N ASN A 86 6.26 4.14 -18.75
CA ASN A 86 7.65 4.47 -18.48
C ASN A 86 7.95 4.06 -17.05
N PHE A 87 8.59 2.90 -16.89
CA PHE A 87 8.99 2.45 -15.57
C PHE A 87 10.23 1.58 -15.59
N THR A 88 10.98 1.66 -14.49
CA THR A 88 12.29 1.04 -14.41
C THR A 88 12.39 -0.04 -13.32
N ASP A 89 11.84 0.23 -12.15
CA ASP A 89 11.85 -0.70 -11.03
C ASP A 89 10.42 -1.17 -10.81
N PHE A 90 9.83 -0.95 -9.64
CA PHE A 90 8.45 -1.39 -9.40
C PHE A 90 7.38 -0.43 -9.93
N ALA A 91 6.44 -0.99 -10.67
CA ALA A 91 5.18 -0.35 -11.04
C ALA A 91 4.05 -1.21 -10.48
N SER A 92 3.26 -0.64 -9.60
CA SER A 92 2.20 -1.41 -8.96
C SER A 92 0.97 -0.55 -8.70
N TYR A 93 -0.19 -1.19 -8.63
CA TYR A 93 -1.39 -0.55 -8.13
C TYR A 93 -2.23 -1.55 -7.35
N GLU A 94 -3.13 -1.03 -6.52
CA GLU A 94 -4.09 -1.84 -5.80
C GLU A 94 -5.51 -1.45 -6.19
N VAL A 95 -6.41 -2.43 -6.27
CA VAL A 95 -7.84 -2.16 -6.29
C VAL A 95 -8.27 -2.23 -4.84
N VAL A 96 -8.83 -1.14 -4.33
CA VAL A 96 -9.20 -1.04 -2.92
C VAL A 96 -10.72 -0.92 -2.74
N VAL A 97 -11.21 -1.45 -1.64
CA VAL A 97 -12.63 -1.37 -1.28
C VAL A 97 -12.72 -0.71 0.10
N ASP A 98 -13.30 0.49 0.15
CA ASP A 98 -13.31 1.33 1.35
C ASP A 98 -11.88 1.45 1.92
N GLU A 99 -10.91 1.66 1.02
CA GLU A 99 -9.51 1.89 1.38
C GLU A 99 -8.75 0.64 1.82
N LYS A 100 -9.39 -0.52 1.74
CA LYS A 100 -8.78 -1.80 2.09
C LYS A 100 -8.39 -2.51 0.79
N PRO A 101 -7.10 -2.84 0.61
CA PRO A 101 -6.67 -3.56 -0.58
C PRO A 101 -7.40 -4.89 -0.78
N PHE A 102 -7.75 -5.17 -2.03
CA PHE A 102 -8.48 -6.39 -2.42
C PHE A 102 -7.71 -7.13 -3.54
N LEU A 103 -7.33 -6.39 -4.57
CA LEU A 103 -6.54 -6.92 -5.68
C LEU A 103 -5.28 -6.09 -5.85
N GLN A 104 -4.28 -6.68 -6.50
CA GLN A 104 -3.01 -6.00 -6.74
C GLN A 104 -2.38 -6.45 -8.06
N CYS A 105 -1.87 -5.48 -8.83
CA CYS A 105 -1.18 -5.74 -10.10
C CYS A 105 0.20 -5.09 -10.05
N THR A 106 1.22 -5.86 -10.36
CA THR A 106 2.61 -5.49 -10.07
C THR A 106 3.58 -5.96 -11.15
N ARG A 107 4.51 -5.09 -11.52
CA ARG A 107 5.55 -5.41 -12.49
C ARG A 107 6.86 -4.73 -12.06
N SER A 108 7.90 -5.53 -11.89
CA SER A 108 9.25 -5.02 -11.74
C SER A 108 10.16 -5.93 -12.57
N ILE A 109 10.42 -5.50 -13.80
CA ILE A 109 11.12 -6.31 -14.77
C ILE A 109 12.50 -5.73 -15.04
N GLU A 110 13.55 -6.44 -14.61
CA GLU A 110 14.90 -5.96 -14.74
C GLU A 110 15.42 -6.28 -16.15
N THR A 111 15.44 -5.26 -17.02
CA THR A 111 15.78 -5.43 -18.44
C THR A 111 16.96 -4.59 -18.95
N GLY A 112 17.37 -3.57 -18.19
CA GLY A 112 18.38 -2.63 -18.67
C GLY A 112 17.83 -1.44 -19.43
N LYS A 113 16.57 -1.49 -19.84
CA LYS A 113 15.88 -0.35 -20.46
C LYS A 113 14.58 0.00 -19.73
N THR A 114 13.90 1.03 -20.22
CA THR A 114 12.58 1.40 -19.71
C THR A 114 11.55 0.39 -20.19
N ASN A 115 10.60 0.04 -19.33
CA ASN A 115 9.58 -0.96 -19.63
C ASN A 115 8.22 -0.34 -19.91
N TYR A 116 7.42 -1.07 -20.70
CA TYR A 116 6.07 -0.69 -21.08
C TYR A 116 5.22 -1.96 -20.95
N ASN A 117 4.24 -1.93 -20.04
CA ASN A 117 3.33 -3.06 -19.79
C ASN A 117 1.93 -2.57 -19.42
N THR A 118 0.89 -3.17 -20.00
CA THR A 118 -0.45 -3.04 -19.42
C THR A 118 -0.56 -4.02 -18.25
N CYS A 119 -1.29 -3.65 -17.20
CA CYS A 119 -1.33 -4.45 -15.99
C CYS A 119 -2.77 -4.66 -15.54
N TYR A 120 -3.31 -5.81 -15.90
CA TYR A 120 -4.70 -6.14 -15.67
C TYR A 120 -4.82 -7.02 -14.43
N THR A 121 -5.84 -6.75 -13.62
CA THR A 121 -6.25 -7.71 -12.60
C THR A 121 -7.76 -7.64 -12.37
N ALA A 122 -8.33 -8.71 -11.80
CA ALA A 122 -9.76 -8.78 -11.56
C ALA A 122 -10.09 -9.83 -10.49
N GLY A 123 -11.27 -9.71 -9.89
CA GLY A 123 -11.74 -10.68 -8.91
C GLY A 123 -13.17 -10.43 -8.45
N VAL A 124 -13.75 -11.43 -7.78
CA VAL A 124 -15.13 -11.32 -7.30
C VAL A 124 -15.19 -11.15 -5.78
N CYS A 125 -16.18 -10.36 -5.33
CA CYS A 125 -16.41 -10.13 -3.90
C CYS A 125 -17.83 -9.66 -3.63
N LEU A 126 -18.29 -9.86 -2.39
CA LEU A 126 -19.61 -9.40 -1.98
C LEU A 126 -19.45 -8.03 -1.36
N LEU A 127 -20.42 -7.16 -1.61
CA LEU A 127 -20.36 -5.76 -1.18
C LEU A 127 -21.73 -5.30 -0.70
N LYS A 128 -21.74 -4.36 0.23
CA LYS A 128 -22.98 -3.73 0.67
C LYS A 128 -23.11 -2.34 0.02
N ALA A 129 -24.31 -1.79 0.03
CA ALA A 129 -24.59 -0.49 -0.58
C ALA A 129 -23.73 0.58 0.08
N ARG A 130 -23.26 1.52 -0.75
CA ARG A 130 -22.44 2.67 -0.34
C ARG A 130 -20.93 2.41 -0.31
N GLN A 131 -20.51 1.15 -0.35
CA GLN A 131 -19.08 0.83 -0.38
C GLN A 131 -18.47 1.40 -1.65
N LYS A 132 -17.18 1.74 -1.58
CA LYS A 132 -16.51 2.48 -2.64
C LYS A 132 -15.26 1.76 -3.09
N ILE A 133 -15.12 1.64 -4.41
CA ILE A 133 -14.01 0.94 -5.03
C ILE A 133 -13.14 1.97 -5.72
N ALA A 134 -11.83 1.84 -5.58
CA ALA A 134 -10.89 2.73 -6.29
C ALA A 134 -9.64 2.00 -6.77
N VAL A 135 -8.97 2.63 -7.72
CA VAL A 135 -7.69 2.20 -8.24
C VAL A 135 -6.63 3.12 -7.66
N LYS A 136 -5.75 2.56 -6.82
CA LYS A 136 -4.73 3.32 -6.10
C LYS A 136 -3.32 2.90 -6.58
N MET A 137 -2.67 3.78 -7.33
CA MET A 137 -1.26 3.63 -7.71
C MET A 137 -0.36 3.66 -6.46
N VAL A 138 0.58 2.72 -6.36
CA VAL A 138 1.62 2.86 -5.35
C VAL A 138 2.59 3.95 -5.82
N HIS A 139 3.01 4.77 -4.87
CA HIS A 139 3.75 5.99 -5.14
C HIS A 139 5.14 5.66 -5.68
N ALA A 140 5.37 6.04 -6.92
CA ALA A 140 6.59 5.71 -7.65
C ALA A 140 6.86 6.72 -8.76
N ASP A 141 8.13 6.83 -9.15
CA ASP A 141 8.53 7.64 -10.30
C ASP A 141 8.37 6.85 -11.60
N ILE A 142 7.12 6.59 -11.94
CA ILE A 142 6.76 5.93 -13.18
C ILE A 142 5.77 6.82 -13.91
N SER A 143 5.50 6.51 -15.16
CA SER A 143 4.47 7.16 -15.93
C SER A 143 3.44 6.13 -16.33
N ILE A 144 2.16 6.50 -16.27
CA ILE A 144 1.09 5.64 -16.77
C ILE A 144 0.32 6.37 -17.86
N ASN A 145 0.04 5.66 -18.94
CA ASN A 145 -0.79 6.20 -20.02
C ASN A 145 -2.26 5.94 -19.73
N MET A 146 -3.06 7.01 -19.80
CA MET A 146 -4.47 6.95 -19.46
C MET A 146 -5.39 6.85 -20.68
N SER A 147 -4.90 6.31 -21.79
CA SER A 147 -5.74 6.15 -22.99
C SER A 147 -6.93 5.25 -22.68
N LYS A 148 -8.02 5.49 -23.39
CA LYS A 148 -9.29 4.82 -23.11
C LYS A 148 -9.24 3.32 -23.40
N HIS A 149 -8.34 2.92 -24.30
CA HIS A 149 -8.21 1.53 -24.73
C HIS A 149 -7.24 0.71 -23.87
N THR A 150 -6.34 1.39 -23.15
CA THR A 150 -5.25 0.73 -22.42
C THR A 150 -5.40 0.81 -20.90
N THR A 151 -6.21 1.74 -20.43
CA THR A 151 -6.39 1.99 -19.00
C THR A 151 -7.88 2.16 -18.70
N PHE A 152 -8.43 1.27 -17.87
CA PHE A 152 -9.85 1.24 -17.61
C PHE A 152 -10.17 0.58 -16.27
N PHE A 153 -11.43 0.68 -15.88
CA PHE A 153 -11.87 0.31 -14.54
C PHE A 153 -13.35 -0.03 -14.64
N GLY A 154 -13.72 -1.22 -14.20
CA GLY A 154 -15.10 -1.65 -14.33
C GLY A 154 -15.56 -2.70 -13.35
N ALA A 155 -16.82 -3.09 -13.51
CA ALA A 155 -17.47 -3.99 -12.57
C ALA A 155 -18.78 -4.53 -13.14
N ILE A 156 -19.11 -5.75 -12.74
CA ILE A 156 -20.36 -6.38 -13.11
C ILE A 156 -21.06 -6.82 -11.84
N ARG A 157 -22.25 -6.28 -11.59
CA ARG A 157 -23.11 -6.82 -10.56
C ARG A 157 -23.75 -8.09 -11.11
N LEU A 158 -23.26 -9.23 -10.65
CA LEU A 158 -23.71 -10.54 -11.11
C LEU A 158 -25.11 -10.84 -10.62
N GLY A 159 -25.39 -10.44 -9.38
CA GLY A 159 -26.72 -10.50 -8.82
C GLY A 159 -26.74 -10.14 -7.36
N GLU A 160 -27.70 -10.70 -6.63
CA GLU A 160 -27.77 -10.52 -5.17
C GLU A 160 -26.63 -11.29 -4.49
N ALA A 161 -26.19 -10.77 -3.34
CA ALA A 161 -25.25 -11.47 -2.46
C ALA A 161 -26.04 -12.40 -1.53
N PRO A 162 -25.51 -13.60 -1.24
CA PRO A 162 -26.24 -14.56 -0.39
C PRO A 162 -26.55 -14.03 1.00
N PRO B 23 -27.35 -16.84 -19.90
CA PRO B 23 -26.25 -16.15 -20.63
C PRO B 23 -25.61 -16.99 -21.73
N ALA B 24 -25.53 -16.41 -22.93
CA ALA B 24 -24.87 -17.04 -24.06
C ALA B 24 -23.39 -16.69 -23.99
N VAL B 25 -22.54 -17.68 -24.23
CA VAL B 25 -21.10 -17.48 -24.19
C VAL B 25 -20.42 -18.06 -25.43
N VAL B 26 -19.17 -17.66 -25.61
CA VAL B 26 -18.34 -18.26 -26.66
C VAL B 26 -16.89 -18.18 -26.21
N HIS B 27 -16.18 -19.29 -26.38
CA HIS B 27 -14.75 -19.34 -26.04
C HIS B 27 -13.99 -19.93 -27.22
N LEU B 28 -13.34 -19.06 -27.98
CA LEU B 28 -12.59 -19.47 -29.17
C LEU B 28 -11.15 -19.76 -28.81
N GLN B 29 -10.67 -20.92 -29.25
CA GLN B 29 -9.33 -21.41 -28.96
C GLN B 29 -8.51 -21.49 -30.24
N GLY B 30 -7.21 -21.23 -30.14
CA GLY B 30 -6.32 -21.33 -31.29
C GLY B 30 -6.18 -22.77 -31.75
N GLN B 31 -5.74 -22.97 -33.00
CA GLN B 31 -5.70 -24.31 -33.60
C GLN B 31 -4.33 -25.00 -33.56
N GLY B 32 -3.55 -24.72 -32.52
CA GLY B 32 -2.32 -25.44 -32.25
C GLY B 32 -1.24 -25.27 -33.30
N SER B 33 -0.70 -24.05 -33.36
CA SER B 33 0.32 -23.72 -34.36
C SER B 33 1.04 -22.42 -33.99
N ALA B 34 2.34 -22.35 -34.26
CA ALA B 34 3.08 -21.11 -34.06
C ALA B 34 2.97 -20.22 -35.30
N ILE B 35 2.63 -18.96 -35.07
CA ILE B 35 2.33 -17.97 -36.11
C ILE B 35 3.37 -16.87 -36.13
N GLN B 36 3.83 -16.50 -37.32
CA GLN B 36 4.69 -15.33 -37.50
C GLN B 36 3.78 -14.21 -38.05
N VAL B 37 3.39 -13.27 -37.18
CA VAL B 37 2.35 -12.29 -37.45
C VAL B 37 2.46 -11.57 -38.80
N LYS B 38 3.64 -11.06 -39.09
CA LYS B 38 3.88 -10.27 -40.30
C LYS B 38 3.36 -10.98 -41.55
N ASN B 39 3.78 -12.22 -41.74
CA ASN B 39 3.52 -12.95 -42.98
C ASN B 39 2.44 -14.05 -42.92
N ASP B 40 1.99 -14.40 -41.72
CA ASP B 40 1.02 -15.49 -41.56
C ASP B 40 -0.41 -14.99 -41.32
N LEU B 41 -0.53 -13.72 -40.93
CA LEU B 41 -1.84 -13.08 -40.76
C LEU B 41 -2.08 -11.96 -41.77
N SER B 42 -3.34 -11.61 -41.95
CA SER B 42 -3.72 -10.50 -42.82
C SER B 42 -4.20 -9.36 -41.93
N GLY B 43 -3.55 -8.21 -42.07
CA GLY B 43 -3.83 -7.05 -41.22
C GLY B 43 -3.68 -7.34 -39.74
N GLY B 44 -2.81 -8.30 -39.41
CA GLY B 44 -2.54 -8.71 -38.04
C GLY B 44 -3.65 -9.48 -37.34
N VAL B 45 -4.73 -9.78 -38.05
CA VAL B 45 -5.94 -10.32 -37.43
C VAL B 45 -5.78 -11.81 -37.17
N LEU B 46 -5.85 -12.21 -35.90
CA LEU B 46 -5.81 -13.62 -35.53
C LEU B 46 -7.05 -14.33 -36.02
N ASN B 47 -6.86 -15.48 -36.65
CA ASN B 47 -7.96 -16.19 -37.30
C ASN B 47 -7.79 -17.70 -37.14
N ASP B 48 -8.61 -18.46 -37.88
CA ASP B 48 -8.65 -19.91 -37.80
C ASP B 48 -8.97 -20.40 -36.39
N TRP B 49 -9.80 -19.64 -35.69
CA TRP B 49 -10.25 -20.01 -34.36
C TRP B 49 -10.99 -21.34 -34.42
N SER B 50 -10.70 -22.22 -33.45
CA SER B 50 -11.49 -23.41 -33.18
C SER B 50 -12.68 -23.05 -32.28
N ARG B 51 -13.88 -23.44 -32.70
CA ARG B 51 -15.12 -23.14 -31.98
C ARG B 51 -15.63 -24.34 -31.16
N ILE B 52 -15.12 -24.46 -29.93
CA ILE B 52 -15.57 -25.51 -29.01
C ILE B 52 -16.97 -25.24 -28.44
N THR B 53 -17.11 -24.10 -27.76
CA THR B 53 -18.35 -23.68 -27.13
C THR B 53 -18.76 -22.35 -27.76
N MET B 54 -19.86 -22.36 -28.51
CA MET B 54 -20.42 -21.14 -29.07
C MET B 54 -21.94 -21.28 -29.23
N ASN B 55 -22.68 -20.38 -28.57
CA ASN B 55 -24.12 -20.30 -28.71
C ASN B 55 -24.48 -19.74 -30.09
N PRO B 56 -25.10 -20.55 -30.95
CA PRO B 56 -25.41 -20.13 -32.34
C PRO B 56 -26.49 -19.04 -32.52
N LYS B 57 -27.22 -18.70 -31.46
CA LYS B 57 -28.30 -17.71 -31.55
C LYS B 57 -27.82 -16.29 -31.26
N VAL B 58 -26.73 -16.20 -30.52
CA VAL B 58 -26.12 -14.91 -30.17
C VAL B 58 -24.85 -14.65 -30.98
N PHE B 59 -24.10 -15.70 -31.29
CA PHE B 59 -22.77 -15.57 -31.86
C PHE B 59 -22.63 -16.30 -33.20
N LYS B 60 -21.84 -15.72 -34.09
CA LYS B 60 -21.50 -16.33 -35.37
C LYS B 60 -20.02 -16.14 -35.60
N LEU B 61 -19.34 -17.21 -36.01
CA LEU B 61 -17.90 -17.15 -36.25
C LEU B 61 -17.59 -17.10 -37.74
N HIS B 62 -16.57 -16.30 -38.04
CA HIS B 62 -16.00 -16.17 -39.36
C HIS B 62 -14.54 -16.58 -39.21
N PRO B 63 -14.27 -17.88 -39.37
CA PRO B 63 -12.96 -18.45 -39.04
C PRO B 63 -11.79 -17.89 -39.83
N ARG B 64 -11.83 -17.89 -41.16
CA ARG B 64 -10.72 -17.33 -41.93
C ARG B 64 -10.52 -15.82 -41.72
N SER B 65 -11.60 -15.06 -41.55
CA SER B 65 -11.48 -13.64 -41.24
C SER B 65 -10.97 -13.42 -39.84
N GLY B 66 -11.36 -14.32 -38.94
CA GLY B 66 -11.00 -14.24 -37.55
C GLY B 66 -11.97 -13.40 -36.75
N GLU B 67 -13.07 -13.00 -37.38
CA GLU B 67 -14.04 -12.10 -36.77
C GLU B 67 -15.15 -12.88 -36.07
N LEU B 68 -15.56 -12.37 -34.92
CA LEU B 68 -16.67 -12.90 -34.16
C LEU B 68 -17.78 -11.88 -34.22
N GLU B 69 -18.88 -12.26 -34.87
CA GLU B 69 -20.03 -11.38 -35.06
C GLU B 69 -21.10 -11.65 -34.00
N VAL B 70 -21.58 -10.60 -33.36
CA VAL B 70 -22.76 -10.70 -32.49
C VAL B 70 -24.02 -10.56 -33.35
N LEU B 71 -25.03 -11.37 -33.04
CA LEU B 71 -26.25 -11.45 -33.85
C LEU B 71 -27.41 -10.69 -33.25
N VAL B 72 -27.29 -10.33 -31.97
CA VAL B 72 -28.33 -9.60 -31.24
C VAL B 72 -27.70 -8.49 -30.41
N ASP B 73 -28.48 -7.45 -30.14
CA ASP B 73 -28.05 -6.39 -29.23
C ASP B 73 -27.79 -7.00 -27.86
N GLY B 74 -26.89 -6.39 -27.09
CA GLY B 74 -26.70 -6.81 -25.71
C GLY B 74 -25.56 -6.15 -24.97
N THR B 75 -25.45 -6.50 -23.70
CA THR B 75 -24.30 -6.17 -22.87
C THR B 75 -23.35 -7.36 -22.94
N TYR B 76 -22.12 -7.09 -23.37
CA TYR B 76 -21.13 -8.14 -23.62
C TYR B 76 -19.85 -7.93 -22.82
N PHE B 77 -19.43 -8.96 -22.08
CA PHE B 77 -18.06 -9.05 -21.56
C PHE B 77 -17.18 -9.69 -22.63
N ILE B 78 -16.12 -8.99 -23.03
CA ILE B 78 -15.22 -9.49 -24.05
C ILE B 78 -13.85 -9.66 -23.44
N TYR B 79 -13.17 -10.72 -23.83
CA TYR B 79 -11.84 -11.02 -23.30
C TYR B 79 -10.97 -11.74 -24.31
N SER B 80 -9.67 -11.68 -24.09
CA SER B 80 -8.71 -12.24 -25.02
C SER B 80 -7.36 -12.46 -24.36
N GLN B 81 -6.63 -13.45 -24.86
CA GLN B 81 -5.25 -13.68 -24.49
C GLN B 81 -4.45 -14.10 -25.72
N VAL B 82 -3.27 -13.50 -25.88
CA VAL B 82 -2.35 -13.90 -26.92
C VAL B 82 -1.06 -14.34 -26.25
N TYR B 83 -0.58 -15.51 -26.63
CA TYR B 83 0.68 -16.03 -26.11
C TYR B 83 1.82 -15.63 -27.02
N TYR B 84 2.51 -14.55 -26.63
CA TYR B 84 3.71 -14.09 -27.33
C TYR B 84 4.85 -15.08 -27.07
N ILE B 85 5.60 -15.45 -28.11
CA ILE B 85 6.70 -16.41 -28.01
C ILE B 85 8.01 -15.93 -28.63
N ASN B 86 7.96 -14.81 -29.35
CA ASN B 86 9.16 -14.20 -29.91
C ASN B 86 8.88 -12.77 -30.35
N PHE B 87 9.72 -11.85 -29.90
CA PHE B 87 9.71 -10.47 -30.38
C PHE B 87 10.87 -9.73 -29.72
N THR B 88 11.42 -8.75 -30.42
CA THR B 88 12.63 -8.09 -29.94
C THR B 88 12.43 -6.62 -29.56
N ASP B 89 11.24 -6.10 -29.79
CA ASP B 89 10.97 -4.68 -29.58
C ASP B 89 9.73 -4.52 -28.70
N PHE B 90 8.57 -4.63 -29.32
CA PHE B 90 7.29 -4.52 -28.62
C PHE B 90 6.35 -5.58 -29.15
N ALA B 91 5.49 -6.06 -28.27
CA ALA B 91 4.39 -6.93 -28.65
C ALA B 91 3.11 -6.28 -28.11
N SER B 92 2.17 -6.01 -29.02
CA SER B 92 0.93 -5.36 -28.63
C SER B 92 -0.22 -5.81 -29.52
N TYR B 93 -1.42 -5.89 -28.97
CA TYR B 93 -2.62 -6.10 -29.78
C TYR B 93 -3.77 -5.23 -29.28
N GLU B 94 -4.78 -5.09 -30.13
CA GLU B 94 -6.01 -4.42 -29.79
C GLU B 94 -7.18 -5.36 -30.02
N VAL B 95 -8.16 -5.33 -29.12
CA VAL B 95 -9.45 -5.95 -29.35
C VAL B 95 -10.32 -4.90 -30.02
N VAL B 96 -10.71 -5.15 -31.26
CA VAL B 96 -11.40 -4.15 -32.08
C VAL B 96 -12.87 -4.52 -32.31
N VAL B 97 -13.72 -3.50 -32.33
CA VAL B 97 -15.13 -3.63 -32.65
C VAL B 97 -15.40 -2.81 -33.90
N ASP B 98 -15.72 -3.48 -35.01
CA ASP B 98 -15.82 -2.86 -36.33
C ASP B 98 -14.58 -2.02 -36.64
N GLU B 99 -13.41 -2.61 -36.40
CA GLU B 99 -12.11 -1.99 -36.70
C GLU B 99 -11.71 -0.83 -35.75
N LYS B 100 -12.51 -0.56 -34.71
CA LYS B 100 -12.20 0.49 -33.74
C LYS B 100 -11.63 -0.13 -32.48
N PRO B 101 -10.48 0.37 -32.00
CA PRO B 101 -9.90 -0.17 -30.76
C PRO B 101 -10.80 0.01 -29.54
N PHE B 102 -11.06 -1.10 -28.83
CA PHE B 102 -11.80 -1.07 -27.57
C PHE B 102 -10.87 -1.38 -26.39
N LEU B 103 -10.03 -2.40 -26.55
CA LEU B 103 -9.07 -2.80 -25.52
C LEU B 103 -7.69 -2.96 -26.13
N GLN B 104 -6.66 -2.88 -25.30
CA GLN B 104 -5.28 -2.99 -25.77
C GLN B 104 -4.43 -3.68 -24.71
N CYS B 105 -3.64 -4.65 -25.16
CA CYS B 105 -2.69 -5.34 -24.30
C CYS B 105 -1.27 -5.16 -24.85
N THR B 106 -0.32 -4.76 -24.00
CA THR B 106 1.03 -4.42 -24.45
C THR B 106 2.11 -4.99 -23.52
N ARG B 107 3.22 -5.43 -24.14
CA ARG B 107 4.39 -5.94 -23.44
C ARG B 107 5.63 -5.35 -24.12
N SER B 108 6.63 -5.01 -23.34
CA SER B 108 7.95 -4.73 -23.89
C SER B 108 8.79 -5.96 -23.59
N ILE B 109 10.05 -5.97 -24.03
CA ILE B 109 10.88 -7.17 -23.85
C ILE B 109 11.15 -7.40 -22.36
N GLU B 110 11.14 -8.66 -21.96
CA GLU B 110 11.57 -9.07 -20.62
C GLU B 110 12.99 -9.65 -20.64
N THR B 111 13.47 -10.02 -21.82
CA THR B 111 14.78 -10.66 -21.94
C THR B 111 15.40 -10.47 -23.32
N GLY B 112 16.73 -10.56 -23.38
CA GLY B 112 17.45 -10.55 -24.64
C GLY B 112 17.39 -11.87 -25.41
N LYS B 113 16.98 -12.95 -24.74
CA LYS B 113 16.87 -14.26 -25.37
C LYS B 113 15.51 -14.46 -26.04
N THR B 114 14.61 -15.26 -25.45
CA THR B 114 13.28 -15.50 -26.04
C THR B 114 12.17 -15.01 -25.13
N ASN B 115 11.26 -14.22 -25.69
CA ASN B 115 10.21 -13.58 -24.93
C ASN B 115 8.91 -14.40 -24.93
N TYR B 116 8.81 -15.30 -23.95
CA TYR B 116 7.59 -16.07 -23.71
C TYR B 116 6.74 -15.28 -22.73
N ASN B 117 5.56 -14.87 -23.17
CA ASN B 117 4.74 -13.98 -22.38
C ASN B 117 3.29 -13.91 -22.88
N THR B 118 2.34 -14.22 -22.00
CA THR B 118 0.92 -14.13 -22.32
C THR B 118 0.39 -12.76 -21.96
N CYS B 119 -0.51 -12.25 -22.76
CA CYS B 119 -0.99 -10.90 -22.63
C CYS B 119 -2.51 -10.94 -22.64
N TYR B 120 -3.12 -10.80 -21.47
CA TYR B 120 -4.56 -10.89 -21.32
C TYR B 120 -5.18 -9.50 -21.14
N THR B 121 -6.33 -9.29 -21.79
CA THR B 121 -7.14 -8.11 -21.53
C THR B 121 -8.63 -8.43 -21.64
N ALA B 122 -9.45 -7.65 -20.94
CA ALA B 122 -10.89 -7.83 -20.96
C ALA B 122 -11.65 -6.59 -20.54
N GLY B 123 -12.90 -6.49 -21.01
CA GLY B 123 -13.78 -5.42 -20.63
C GLY B 123 -15.21 -5.59 -21.08
N VAL B 124 -16.09 -4.79 -20.48
CA VAL B 124 -17.52 -4.83 -20.77
C VAL B 124 -17.86 -3.68 -21.70
N CYS B 125 -18.68 -3.96 -22.70
CA CYS B 125 -19.22 -2.95 -23.60
C CYS B 125 -20.59 -3.32 -24.14
N LEU B 126 -21.34 -2.32 -24.56
CA LEU B 126 -22.61 -2.53 -25.24
C LEU B 126 -22.32 -2.73 -26.73
N LEU B 127 -23.06 -3.64 -27.36
CA LEU B 127 -22.92 -3.90 -28.78
C LEU B 127 -24.27 -4.01 -29.45
N LYS B 128 -24.31 -3.68 -30.74
CA LYS B 128 -25.51 -3.84 -31.54
C LYS B 128 -25.37 -5.05 -32.44
N ALA B 129 -26.50 -5.53 -32.96
CA ALA B 129 -26.53 -6.68 -33.85
C ALA B 129 -25.71 -6.40 -35.10
N ARG B 130 -25.00 -7.44 -35.55
CA ARG B 130 -24.14 -7.41 -36.75
C ARG B 130 -22.77 -6.75 -36.57
N GLN B 131 -22.51 -6.20 -35.40
CA GLN B 131 -21.17 -5.69 -35.09
C GLN B 131 -20.20 -6.87 -34.99
N LYS B 132 -18.94 -6.64 -35.34
CA LYS B 132 -17.93 -7.71 -35.36
C LYS B 132 -16.72 -7.35 -34.50
N ILE B 133 -16.24 -8.34 -33.74
CA ILE B 133 -15.09 -8.20 -32.86
C ILE B 133 -13.92 -9.03 -33.41
N ALA B 134 -12.71 -8.50 -33.29
CA ALA B 134 -11.51 -9.22 -33.71
C ALA B 134 -10.36 -8.90 -32.75
N VAL B 135 -9.37 -9.77 -32.71
CA VAL B 135 -8.09 -9.49 -32.05
C VAL B 135 -7.08 -9.13 -33.14
N LYS B 136 -6.54 -7.91 -33.06
CA LYS B 136 -5.68 -7.35 -34.10
C LYS B 136 -4.30 -7.01 -33.55
N MET B 137 -3.31 -7.82 -33.92
CA MET B 137 -1.90 -7.57 -33.62
C MET B 137 -1.43 -6.26 -34.26
N VAL B 138 -0.58 -5.51 -33.57
CA VAL B 138 0.10 -4.37 -34.18
C VAL B 138 1.18 -4.94 -35.12
N HIS B 139 1.45 -4.22 -36.21
CA HIS B 139 2.33 -4.74 -37.25
C HIS B 139 3.79 -4.71 -36.81
N ALA B 140 4.32 -5.88 -36.48
CA ALA B 140 5.72 -6.01 -36.04
C ALA B 140 6.28 -7.43 -36.22
N ASP B 141 7.56 -7.60 -35.87
CA ASP B 141 8.25 -8.89 -35.94
C ASP B 141 7.89 -9.73 -34.71
N ILE B 142 6.70 -10.33 -34.72
CA ILE B 142 6.21 -11.06 -33.56
C ILE B 142 5.77 -12.47 -33.94
N SER B 143 6.13 -13.44 -33.09
CA SER B 143 5.60 -14.80 -33.19
C SER B 143 4.67 -15.08 -32.01
N ILE B 144 3.68 -15.93 -32.25
CA ILE B 144 2.64 -16.28 -31.28
C ILE B 144 2.38 -17.78 -31.29
N ASN B 145 2.14 -18.36 -30.12
CA ASN B 145 1.71 -19.74 -30.00
C ASN B 145 0.18 -19.76 -29.95
N MET B 146 -0.43 -20.38 -30.95
CA MET B 146 -1.88 -20.47 -31.06
C MET B 146 -2.43 -21.75 -30.42
N SER B 147 -1.86 -22.17 -29.29
CA SER B 147 -2.35 -23.35 -28.59
C SER B 147 -3.68 -23.01 -27.93
N LYS B 148 -4.52 -24.03 -27.73
CA LYS B 148 -5.88 -23.82 -27.24
C LYS B 148 -5.95 -23.16 -25.84
N HIS B 149 -4.99 -23.47 -24.99
CA HIS B 149 -4.96 -22.95 -23.61
C HIS B 149 -4.08 -21.70 -23.42
N THR B 150 -3.43 -21.23 -24.48
CA THR B 150 -2.52 -20.08 -24.38
C THR B 150 -3.02 -18.84 -25.11
N THR B 151 -3.66 -19.05 -26.26
CA THR B 151 -4.23 -17.96 -27.05
C THR B 151 -5.71 -18.24 -27.24
N PHE B 152 -6.55 -17.30 -26.83
CA PHE B 152 -7.98 -17.49 -26.87
C PHE B 152 -8.74 -16.16 -26.92
N PHE B 153 -10.03 -16.24 -27.18
CA PHE B 153 -10.82 -15.07 -27.52
C PHE B 153 -12.27 -15.43 -27.28
N GLY B 154 -12.89 -14.77 -26.32
CA GLY B 154 -14.24 -15.11 -25.91
C GLY B 154 -15.12 -13.92 -25.62
N ALA B 155 -16.39 -14.22 -25.41
CA ALA B 155 -17.39 -13.21 -25.11
C ALA B 155 -18.57 -13.82 -24.35
N ILE B 156 -19.13 -13.03 -23.44
CA ILE B 156 -20.30 -13.42 -22.67
C ILE B 156 -21.39 -12.38 -22.91
N ARG B 157 -22.54 -12.82 -23.38
CA ARG B 157 -23.72 -11.96 -23.40
C ARG B 157 -24.36 -11.99 -22.01
N LEU B 158 -24.07 -10.96 -21.22
CA LEU B 158 -24.62 -10.83 -19.87
C LEU B 158 -26.12 -10.62 -19.88
N GLY B 159 -26.61 -9.92 -20.89
CA GLY B 159 -28.03 -9.73 -21.09
C GLY B 159 -28.33 -8.72 -22.18
N GLU B 160 -29.47 -8.04 -22.04
CA GLU B 160 -29.80 -6.93 -22.92
C GLU B 160 -28.93 -5.73 -22.60
N ALA B 161 -28.81 -4.82 -23.55
CA ALA B 161 -28.29 -3.48 -23.27
C ALA B 161 -29.46 -2.60 -22.81
N PRO B 162 -29.21 -1.62 -21.95
CA PRO B 162 -30.27 -0.68 -21.55
C PRO B 162 -30.86 0.07 -22.73
N PRO C 23 -26.29 -15.72 -9.70
CA PRO C 23 -24.98 -16.43 -9.85
C PRO C 23 -24.26 -16.73 -8.53
N ALA C 24 -23.69 -17.93 -8.44
CA ALA C 24 -22.89 -18.37 -7.31
C ALA C 24 -21.42 -18.11 -7.61
N VAL C 25 -20.67 -17.69 -6.59
CA VAL C 25 -19.25 -17.32 -6.77
C VAL C 25 -18.32 -17.95 -5.75
N VAL C 26 -17.04 -17.92 -6.07
CA VAL C 26 -15.97 -18.31 -5.16
C VAL C 26 -14.73 -17.45 -5.47
N HIS C 27 -14.14 -16.87 -4.43
CA HIS C 27 -12.85 -16.20 -4.54
C HIS C 27 -11.91 -16.79 -3.51
N LEU C 28 -10.85 -17.45 -3.97
CA LEU C 28 -9.85 -18.06 -3.11
C LEU C 28 -8.59 -17.21 -3.10
N GLN C 29 -8.03 -17.02 -1.90
CA GLN C 29 -6.86 -16.18 -1.69
C GLN C 29 -5.70 -17.01 -1.14
N GLY C 30 -4.48 -16.65 -1.54
CA GLY C 30 -3.31 -17.28 -0.97
C GLY C 30 -3.21 -16.84 0.47
N GLN C 31 -2.52 -17.64 1.30
CA GLN C 31 -2.44 -17.36 2.75
C GLN C 31 -1.14 -16.72 3.22
N GLY C 32 -0.32 -16.25 2.28
CA GLY C 32 0.96 -15.62 2.59
C GLY C 32 2.07 -16.64 2.72
N SER C 33 3.30 -16.17 2.84
CA SER C 33 4.52 -17.00 2.88
C SER C 33 4.93 -17.41 1.46
N ALA C 34 6.23 -17.29 1.17
CA ALA C 34 6.77 -17.61 -0.14
C ALA C 34 6.88 -19.11 -0.38
N ILE C 35 6.70 -19.52 -1.63
CA ILE C 35 6.78 -20.93 -2.03
C ILE C 35 7.79 -21.10 -3.17
N GLN C 36 8.71 -22.06 -3.02
CA GLN C 36 9.55 -22.51 -4.13
C GLN C 36 8.89 -23.74 -4.77
N VAL C 37 8.55 -23.65 -6.05
CA VAL C 37 7.68 -24.62 -6.71
C VAL C 37 8.16 -26.09 -6.70
N LYS C 38 9.47 -26.29 -6.74
CA LYS C 38 10.07 -27.64 -6.80
C LYS C 38 9.83 -28.47 -5.53
N ASN C 39 10.27 -27.93 -4.38
CA ASN C 39 10.24 -28.66 -3.10
C ASN C 39 9.11 -28.25 -2.14
N ASP C 40 8.59 -27.04 -2.30
CA ASP C 40 7.47 -26.54 -1.49
C ASP C 40 6.11 -26.94 -2.05
N LEU C 41 6.10 -27.60 -3.21
CA LEU C 41 4.87 -28.15 -3.78
C LEU C 41 5.10 -29.53 -4.38
N SER C 42 4.00 -30.24 -4.65
CA SER C 42 4.05 -31.56 -5.28
C SER C 42 3.28 -31.54 -6.60
N GLY C 43 3.98 -31.84 -7.69
CA GLY C 43 3.44 -31.74 -9.03
C GLY C 43 3.09 -30.31 -9.45
N GLY C 44 3.63 -29.32 -8.73
CA GLY C 44 3.38 -27.92 -9.02
C GLY C 44 2.02 -27.37 -8.59
N VAL C 45 1.17 -28.19 -7.99
CA VAL C 45 -0.21 -27.77 -7.72
C VAL C 45 -0.30 -26.90 -6.46
N LEU C 46 -0.90 -25.71 -6.60
CA LEU C 46 -1.15 -24.80 -5.50
C LEU C 46 -2.34 -25.32 -4.71
N ASN C 47 -2.23 -25.33 -3.37
CA ASN C 47 -3.30 -25.93 -2.57
C ASN C 47 -3.79 -25.23 -1.31
N ASP C 48 -2.99 -24.41 -0.64
CA ASP C 48 -3.45 -23.93 0.69
C ASP C 48 -4.31 -22.68 0.54
N TRP C 49 -5.37 -22.79 -0.24
CA TRP C 49 -6.22 -21.66 -0.56
C TRP C 49 -7.15 -21.32 0.60
N SER C 50 -7.29 -20.02 0.87
CA SER C 50 -8.26 -19.51 1.83
C SER C 50 -9.54 -19.12 1.09
N ARG C 51 -10.66 -19.71 1.49
CA ARG C 51 -11.95 -19.40 0.90
C ARG C 51 -12.64 -18.24 1.60
N ILE C 52 -12.30 -17.01 1.19
CA ILE C 52 -12.92 -15.82 1.74
C ILE C 52 -14.37 -15.69 1.27
N THR C 53 -14.62 -16.09 0.02
CA THR C 53 -15.97 -16.23 -0.50
C THR C 53 -16.12 -17.57 -1.19
N MET C 54 -17.15 -18.33 -0.81
CA MET C 54 -17.49 -19.54 -1.53
C MET C 54 -18.92 -19.95 -1.23
N ASN C 55 -19.71 -20.06 -2.28
CA ASN C 55 -21.08 -20.54 -2.18
C ASN C 55 -20.99 -22.06 -2.05
N PRO C 56 -21.34 -22.62 -0.88
CA PRO C 56 -21.12 -24.05 -0.63
C PRO C 56 -22.05 -24.98 -1.41
N LYS C 57 -23.15 -24.46 -1.93
CA LYS C 57 -24.08 -25.26 -2.75
C LYS C 57 -23.56 -25.51 -4.17
N VAL C 58 -22.62 -24.69 -4.64
CA VAL C 58 -22.10 -24.79 -6.00
C VAL C 58 -20.62 -25.18 -6.06
N PHE C 59 -19.87 -24.92 -4.99
CA PHE C 59 -18.43 -25.17 -5.00
C PHE C 59 -17.98 -25.92 -3.76
N LYS C 60 -16.97 -26.76 -3.93
CA LYS C 60 -16.35 -27.49 -2.83
C LYS C 60 -14.85 -27.43 -3.01
N LEU C 61 -14.12 -27.12 -1.95
CA LEU C 61 -12.68 -27.03 -2.00
C LEU C 61 -12.03 -28.29 -1.43
N HIS C 62 -10.98 -28.75 -2.11
CA HIS C 62 -10.20 -29.89 -1.67
C HIS C 62 -8.85 -29.36 -1.18
N PRO C 63 -8.56 -29.48 0.12
CA PRO C 63 -7.45 -28.75 0.75
C PRO C 63 -6.02 -29.20 0.40
N ARG C 64 -5.82 -30.47 0.04
CA ARG C 64 -4.48 -30.98 -0.28
C ARG C 64 -4.20 -30.96 -1.77
N SER C 65 -5.19 -31.35 -2.56
CA SER C 65 -5.04 -31.42 -4.01
C SER C 65 -5.24 -30.06 -4.66
N GLY C 66 -5.66 -29.08 -3.87
CA GLY C 66 -5.83 -27.72 -4.36
C GLY C 66 -6.94 -27.52 -5.37
N GLU C 67 -7.87 -28.46 -5.41
CA GLU C 67 -8.91 -28.48 -6.42
C GLU C 67 -10.14 -27.70 -5.98
N LEU C 68 -10.65 -26.89 -6.90
CA LEU C 68 -11.95 -26.28 -6.78
C LEU C 68 -12.93 -27.10 -7.63
N GLU C 69 -13.83 -27.82 -6.95
CA GLU C 69 -14.82 -28.68 -7.58
C GLU C 69 -16.15 -27.94 -7.79
N VAL C 70 -16.76 -28.06 -8.96
CA VAL C 70 -18.13 -27.59 -9.16
C VAL C 70 -19.12 -28.72 -8.87
N LEU C 71 -20.20 -28.38 -8.17
CA LEU C 71 -21.13 -29.38 -7.67
C LEU C 71 -22.36 -29.48 -8.54
N VAL C 72 -22.43 -28.65 -9.57
CA VAL C 72 -23.56 -28.63 -10.50
C VAL C 72 -23.11 -28.27 -11.91
N ASP C 73 -23.78 -28.82 -12.93
CA ASP C 73 -23.58 -28.40 -14.32
C ASP C 73 -23.68 -26.88 -14.43
N GLY C 74 -23.04 -26.30 -15.42
CA GLY C 74 -23.18 -24.88 -15.65
C GLY C 74 -22.19 -24.27 -16.61
N THR C 75 -22.43 -22.99 -16.90
CA THR C 75 -21.50 -22.14 -17.62
C THR C 75 -20.66 -21.41 -16.57
N TYR C 76 -19.36 -21.64 -16.57
CA TYR C 76 -18.47 -21.10 -15.54
C TYR C 76 -17.42 -20.14 -16.12
N PHE C 77 -17.21 -19.02 -15.44
CA PHE C 77 -16.09 -18.14 -15.70
C PHE C 77 -15.06 -18.52 -14.67
N ILE C 78 -13.84 -18.78 -15.11
CA ILE C 78 -12.75 -19.19 -14.23
C ILE C 78 -11.59 -18.21 -14.39
N TYR C 79 -10.99 -17.79 -13.27
CA TYR C 79 -9.85 -16.89 -13.32
C TYR C 79 -8.82 -17.20 -12.24
N SER C 80 -7.61 -16.73 -12.46
CA SER C 80 -6.51 -16.95 -11.54
C SER C 80 -5.44 -15.89 -11.70
N GLN C 81 -4.58 -15.81 -10.69
CA GLN C 81 -3.46 -14.87 -10.68
C GLN C 81 -2.42 -15.40 -9.71
N VAL C 82 -1.20 -15.57 -10.20
CA VAL C 82 -0.09 -15.98 -9.35
C VAL C 82 0.99 -14.89 -9.40
N TYR C 83 1.54 -14.55 -8.23
CA TYR C 83 2.55 -13.52 -8.11
C TYR C 83 3.94 -14.15 -8.16
N TYR C 84 4.57 -14.08 -9.33
CA TYR C 84 5.95 -14.52 -9.50
C TYR C 84 6.89 -13.54 -8.84
N ILE C 85 7.59 -13.99 -7.81
CA ILE C 85 8.58 -13.17 -7.09
C ILE C 85 9.97 -13.79 -7.26
N ASN C 86 10.65 -13.44 -8.35
CA ASN C 86 11.95 -14.04 -8.71
C ASN C 86 11.79 -15.42 -9.37
N PHE C 87 12.55 -15.63 -10.45
CA PHE C 87 12.70 -16.94 -11.09
C PHE C 87 13.82 -16.98 -12.14
N THR C 88 14.22 -18.18 -12.54
CA THR C 88 15.40 -18.36 -13.39
C THR C 88 15.27 -17.69 -14.76
N ASP C 89 14.30 -18.13 -15.55
CA ASP C 89 14.14 -17.67 -16.93
C ASP C 89 12.73 -17.82 -17.50
N PHE C 90 11.99 -18.81 -17.04
CA PHE C 90 10.67 -19.11 -17.56
C PHE C 90 9.73 -19.40 -16.39
N ALA C 91 8.74 -18.54 -16.21
CA ALA C 91 7.72 -18.75 -15.19
C ALA C 91 6.37 -18.94 -15.87
N SER C 92 5.63 -19.95 -15.44
CA SER C 92 4.38 -20.29 -16.08
C SER C 92 3.52 -21.20 -15.20
N TYR C 93 2.21 -21.09 -15.36
CA TYR C 93 1.28 -22.05 -14.78
C TYR C 93 0.11 -22.29 -15.72
N GLU C 94 -0.56 -23.42 -15.51
CA GLU C 94 -1.77 -23.78 -16.23
C GLU C 94 -2.94 -23.84 -15.25
N VAL C 95 -4.12 -23.44 -15.71
CA VAL C 95 -5.36 -23.76 -15.01
C VAL C 95 -5.92 -24.99 -15.71
N VAL C 96 -5.97 -26.09 -14.98
CA VAL C 96 -6.39 -27.37 -15.53
C VAL C 96 -7.81 -27.71 -15.10
N VAL C 97 -8.54 -28.37 -16.00
CA VAL C 97 -9.87 -28.90 -15.70
C VAL C 97 -9.83 -30.39 -15.95
N ASP C 98 -10.04 -31.19 -14.90
CA ASP C 98 -9.83 -32.63 -14.93
C ASP C 98 -8.48 -33.00 -15.57
N GLU C 99 -7.44 -32.28 -15.14
CA GLU C 99 -6.04 -32.53 -15.50
C GLU C 99 -5.66 -32.00 -16.89
N LYS C 100 -6.63 -31.41 -17.59
CA LYS C 100 -6.42 -30.93 -18.95
C LYS C 100 -6.21 -29.41 -18.98
N PRO C 101 -5.13 -28.95 -19.63
CA PRO C 101 -4.87 -27.51 -19.75
C PRO C 101 -6.05 -26.77 -20.41
N PHE C 102 -6.51 -25.71 -19.76
CA PHE C 102 -7.60 -24.85 -20.25
C PHE C 102 -7.10 -23.42 -20.44
N LEU C 103 -6.33 -22.95 -19.46
CA LEU C 103 -5.73 -21.60 -19.49
C LEU C 103 -4.25 -21.65 -19.11
N GLN C 104 -3.53 -20.59 -19.43
CA GLN C 104 -2.10 -20.47 -19.11
C GLN C 104 -1.72 -19.00 -18.91
N CYS C 105 -0.77 -18.76 -18.01
CA CYS C 105 -0.18 -17.45 -17.85
C CYS C 105 1.34 -17.59 -17.72
N THR C 106 2.08 -16.85 -18.53
CA THR C 106 3.52 -17.04 -18.67
C THR C 106 4.29 -15.72 -18.66
N ARG C 107 5.44 -15.71 -17.98
CA ARG C 107 6.39 -14.60 -18.01
C ARG C 107 7.80 -15.11 -18.30
N SER C 108 8.66 -14.20 -18.71
CA SER C 108 10.04 -14.53 -19.01
C SER C 108 11.01 -13.55 -18.36
N ILE C 109 12.27 -13.95 -18.35
CA ILE C 109 13.35 -13.07 -17.91
C ILE C 109 14.71 -13.67 -18.28
N GLU C 110 15.70 -12.79 -18.43
CA GLU C 110 17.06 -13.23 -18.70
C GLU C 110 17.67 -13.84 -17.43
N THR C 111 18.40 -14.93 -17.62
CA THR C 111 18.78 -15.83 -16.53
C THR C 111 19.10 -15.12 -15.19
N GLY C 112 20.15 -14.32 -15.18
CA GLY C 112 20.65 -13.75 -13.94
C GLY C 112 19.88 -12.56 -13.35
N LYS C 113 18.77 -12.17 -13.96
CA LYS C 113 18.02 -10.98 -13.55
C LYS C 113 16.67 -11.36 -12.92
N THR C 114 16.00 -10.35 -12.34
CA THR C 114 14.79 -10.57 -11.52
C THR C 114 13.51 -10.04 -12.16
N ASN C 115 12.41 -10.76 -11.93
CA ASN C 115 11.10 -10.40 -12.45
C ASN C 115 10.02 -10.64 -11.40
N TYR C 116 9.51 -9.55 -10.82
CA TYR C 116 8.38 -9.58 -9.89
C TYR C 116 7.15 -9.19 -10.68
N ASN C 117 6.14 -10.06 -10.70
CA ASN C 117 5.17 -10.06 -11.78
C ASN C 117 3.88 -10.82 -11.44
N THR C 118 2.76 -10.10 -11.37
CA THR C 118 1.45 -10.75 -11.26
C THR C 118 1.03 -11.25 -12.63
N CYS C 119 0.51 -12.45 -12.65
CA CYS C 119 0.29 -13.16 -13.88
C CYS C 119 -1.14 -13.70 -13.85
N TYR C 120 -2.03 -12.98 -14.52
CA TYR C 120 -3.46 -13.26 -14.51
C TYR C 120 -3.92 -13.89 -15.82
N THR C 121 -4.78 -14.88 -15.72
CA THR C 121 -5.52 -15.39 -16.87
C THR C 121 -6.96 -15.79 -16.47
N ALA C 122 -7.84 -15.86 -17.45
CA ALA C 122 -9.24 -16.21 -17.22
C ALA C 122 -9.95 -16.64 -18.50
N GLY C 123 -10.97 -17.46 -18.35
CA GLY C 123 -11.78 -17.89 -19.47
C GLY C 123 -13.12 -18.51 -19.07
N VAL C 124 -13.99 -18.69 -20.04
CA VAL C 124 -15.31 -19.23 -19.80
C VAL C 124 -15.40 -20.63 -20.44
N CYS C 125 -16.08 -21.55 -19.76
CA CYS C 125 -16.32 -22.87 -20.31
C CYS C 125 -17.52 -23.55 -19.67
N LEU C 126 -18.04 -24.54 -20.37
CA LEU C 126 -19.12 -25.37 -19.86
C LEU C 126 -18.51 -26.49 -19.05
N LEU C 127 -19.04 -26.69 -17.84
CA LEU C 127 -18.60 -27.78 -16.96
C LEU C 127 -19.78 -28.63 -16.51
N LYS C 128 -19.52 -29.90 -16.29
CA LYS C 128 -20.49 -30.80 -15.70
C LYS C 128 -20.17 -30.95 -14.23
N ALA C 129 -21.16 -31.41 -13.47
CA ALA C 129 -21.06 -31.59 -12.03
C ALA C 129 -19.88 -32.49 -11.68
N ARG C 130 -19.22 -32.15 -10.58
CA ARG C 130 -18.06 -32.89 -10.02
C ARG C 130 -16.70 -32.64 -10.69
N GLN C 131 -16.69 -31.89 -11.79
CA GLN C 131 -15.43 -31.54 -12.46
C GLN C 131 -14.58 -30.64 -11.57
N LYS C 132 -13.26 -30.78 -11.67
CA LYS C 132 -12.34 -30.14 -10.74
C LYS C 132 -11.36 -29.25 -11.46
N ILE C 133 -11.14 -28.06 -10.90
CA ILE C 133 -10.28 -27.04 -11.47
C ILE C 133 -9.10 -26.86 -10.53
N ALA C 134 -7.91 -26.67 -11.08
CA ALA C 134 -6.72 -26.45 -10.25
C ALA C 134 -5.66 -25.60 -10.95
N VAL C 135 -4.84 -24.92 -10.16
CA VAL C 135 -3.74 -24.10 -10.66
C VAL C 135 -2.45 -24.88 -10.48
N LYS C 136 -1.80 -25.20 -11.59
CA LYS C 136 -0.64 -26.08 -11.61
C LYS C 136 0.55 -25.34 -12.21
N MET C 137 1.57 -25.13 -11.39
CA MET C 137 2.83 -24.54 -11.82
C MET C 137 3.60 -25.53 -12.69
N VAL C 138 4.26 -25.03 -13.73
CA VAL C 138 5.15 -25.86 -14.54
C VAL C 138 6.42 -26.16 -13.74
N HIS C 139 7.01 -27.31 -13.99
CA HIS C 139 8.21 -27.72 -13.26
C HIS C 139 9.42 -26.87 -13.65
N ALA C 140 9.69 -25.86 -12.84
CA ALA C 140 10.87 -25.02 -13.00
C ALA C 140 11.27 -24.43 -11.64
N ASP C 141 12.45 -23.85 -11.58
CA ASP C 141 12.87 -23.12 -10.39
C ASP C 141 12.18 -21.77 -10.41
N ILE C 142 11.08 -21.67 -9.68
CA ILE C 142 10.27 -20.44 -9.62
C ILE C 142 9.75 -20.20 -8.22
N SER C 143 9.85 -18.95 -7.76
CA SER C 143 9.35 -18.56 -6.46
C SER C 143 8.09 -17.74 -6.65
N ILE C 144 7.11 -17.95 -5.78
CA ILE C 144 5.82 -17.27 -5.84
C ILE C 144 5.47 -16.72 -4.45
N ASN C 145 4.81 -15.58 -4.41
CA ASN C 145 4.33 -15.03 -3.14
C ASN C 145 2.85 -15.30 -3.06
N MET C 146 2.42 -15.87 -1.93
CA MET C 146 1.03 -16.26 -1.74
C MET C 146 0.17 -15.17 -1.08
N SER C 147 0.59 -13.92 -1.13
CA SER C 147 -0.22 -12.82 -0.57
C SER C 147 -1.64 -12.86 -1.12
N LYS C 148 -2.61 -12.48 -0.29
CA LYS C 148 -4.02 -12.65 -0.64
C LYS C 148 -4.50 -11.72 -1.76
N HIS C 149 -3.79 -10.60 -1.94
CA HIS C 149 -4.17 -9.59 -2.92
C HIS C 149 -3.53 -9.82 -4.30
N THR C 150 -2.44 -10.59 -4.33
CA THR C 150 -1.70 -10.83 -5.58
C THR C 150 -1.87 -12.21 -6.17
N THR C 151 -2.20 -13.20 -5.33
CA THR C 151 -2.29 -14.58 -5.74
C THR C 151 -3.66 -15.11 -5.36
N PHE C 152 -4.48 -15.42 -6.36
CA PHE C 152 -5.85 -15.84 -6.09
C PHE C 152 -6.43 -16.73 -7.19
N PHE C 153 -7.65 -17.19 -6.99
CA PHE C 153 -8.22 -18.24 -7.83
C PHE C 153 -9.73 -18.24 -7.58
N GLY C 154 -10.51 -18.00 -8.63
CA GLY C 154 -11.95 -17.88 -8.46
C GLY C 154 -12.76 -18.38 -9.62
N ALA C 155 -14.07 -18.43 -9.41
CA ALA C 155 -15.01 -18.81 -10.46
C ALA C 155 -16.39 -18.20 -10.22
N ILE C 156 -17.13 -18.05 -11.31
CA ILE C 156 -18.50 -17.57 -11.29
C ILE C 156 -19.33 -18.52 -12.13
N ARG C 157 -20.33 -19.14 -11.52
CA ARG C 157 -21.38 -19.82 -12.28
C ARG C 157 -22.33 -18.78 -12.84
N LEU C 158 -22.13 -18.41 -14.11
CA LEU C 158 -22.94 -17.42 -14.78
C LEU C 158 -24.38 -17.88 -14.99
N GLY C 159 -24.59 -19.18 -15.05
CA GLY C 159 -25.90 -19.76 -15.23
C GLY C 159 -25.86 -21.23 -15.63
N GLU C 160 -26.96 -21.71 -16.21
CA GLU C 160 -27.00 -23.09 -16.68
C GLU C 160 -26.16 -23.25 -17.95
N ALA C 161 -25.77 -24.50 -18.25
CA ALA C 161 -25.15 -24.85 -19.52
C ALA C 161 -26.22 -25.27 -20.54
N PRO C 162 -26.02 -24.94 -21.81
CA PRO C 162 -26.98 -25.37 -22.86
C PRO C 162 -27.15 -26.88 -22.96
N PRO D 23 -2.13 1.68 33.10
CA PRO D 23 -2.26 1.45 31.62
C PRO D 23 -1.53 0.20 31.14
N ALA D 24 -2.07 -0.41 30.08
CA ALA D 24 -1.46 -1.59 29.46
C ALA D 24 -0.62 -1.18 28.27
N VAL D 25 0.57 -1.74 28.15
CA VAL D 25 1.49 -1.35 27.09
C VAL D 25 2.07 -2.54 26.36
N VAL D 26 2.64 -2.26 25.20
CA VAL D 26 3.32 -3.26 24.40
C VAL D 26 4.42 -2.57 23.60
N HIS D 27 5.64 -3.09 23.69
CA HIS D 27 6.74 -2.62 22.85
C HIS D 27 7.33 -3.83 22.13
N LEU D 28 7.13 -3.86 20.81
CA LEU D 28 7.64 -4.94 19.98
C LEU D 28 8.88 -4.44 19.28
N GLN D 29 9.92 -5.27 19.30
CA GLN D 29 11.20 -4.92 18.67
C GLN D 29 11.46 -5.87 17.51
N GLY D 30 12.17 -5.40 16.50
CA GLY D 30 12.64 -6.26 15.43
C GLY D 30 13.64 -7.28 15.96
N GLN D 31 13.90 -8.33 15.18
CA GLN D 31 14.79 -9.41 15.61
C GLN D 31 16.13 -9.42 14.90
N GLY D 32 16.16 -9.02 13.64
CA GLY D 32 17.40 -8.94 12.88
C GLY D 32 17.35 -9.61 11.53
N SER D 33 18.51 -10.12 11.11
CA SER D 33 18.76 -10.36 9.68
C SER D 33 18.58 -8.99 9.03
N ALA D 34 18.10 -8.95 7.80
CA ALA D 34 17.58 -7.70 7.24
C ALA D 34 16.56 -8.07 6.17
N ILE D 35 15.42 -7.39 6.20
CA ILE D 35 14.28 -7.75 5.38
C ILE D 35 14.23 -6.93 4.09
N GLN D 36 14.13 -7.64 2.97
CA GLN D 36 13.81 -7.03 1.69
C GLN D 36 12.30 -7.24 1.50
N VAL D 37 11.54 -6.15 1.47
CA VAL D 37 10.07 -6.23 1.43
C VAL D 37 9.57 -7.17 0.33
N LYS D 38 10.19 -7.07 -0.85
CA LYS D 38 9.77 -7.78 -2.07
C LYS D 38 9.86 -9.31 -1.98
N ASN D 39 10.82 -9.80 -1.20
CA ASN D 39 11.08 -11.25 -1.11
C ASN D 39 10.64 -11.93 0.20
N ASP D 40 10.51 -11.15 1.27
CA ASP D 40 10.37 -11.70 2.63
C ASP D 40 8.99 -11.52 3.27
N LEU D 41 8.25 -10.50 2.83
CA LEU D 41 6.96 -10.17 3.42
C LEU D 41 5.82 -10.52 2.48
N SER D 42 4.66 -10.87 3.06
CA SER D 42 3.43 -11.07 2.30
C SER D 42 2.54 -9.85 2.48
N GLY D 43 2.24 -9.17 1.37
CA GLY D 43 1.46 -7.95 1.39
C GLY D 43 2.15 -6.80 2.11
N GLY D 44 3.48 -6.88 2.20
CA GLY D 44 4.29 -5.85 2.82
C GLY D 44 4.21 -5.76 4.34
N VAL D 45 3.56 -6.72 5.00
CA VAL D 45 3.36 -6.64 6.44
C VAL D 45 4.55 -7.21 7.25
N LEU D 46 5.21 -6.34 8.01
CA LEU D 46 6.27 -6.77 8.94
C LEU D 46 5.70 -7.77 9.94
N ASN D 47 6.45 -8.84 10.20
CA ASN D 47 5.97 -9.96 11.02
C ASN D 47 6.99 -10.67 11.92
N ASP D 48 8.25 -10.24 11.91
CA ASP D 48 9.25 -10.85 12.78
C ASP D 48 9.42 -9.99 14.01
N TRP D 49 8.39 -10.00 14.86
CA TRP D 49 8.35 -9.12 16.03
C TRP D 49 8.67 -9.89 17.31
N SER D 50 9.74 -9.46 17.99
CA SER D 50 10.10 -9.94 19.32
C SER D 50 9.23 -9.25 20.36
N ARG D 51 8.67 -10.04 21.29
CA ARG D 51 7.73 -9.52 22.29
C ARG D 51 8.35 -9.45 23.67
N ILE D 52 9.02 -8.33 23.96
CA ILE D 52 9.70 -8.13 25.25
C ILE D 52 8.73 -7.69 26.36
N THR D 53 7.90 -6.69 26.05
CA THR D 53 6.87 -6.21 26.97
C THR D 53 5.54 -6.30 26.23
N MET D 54 4.60 -7.07 26.79
CA MET D 54 3.27 -7.16 26.23
C MET D 54 2.32 -7.69 27.29
N ASN D 55 1.43 -6.81 27.76
CA ASN D 55 0.38 -7.24 28.65
C ASN D 55 -0.51 -8.25 27.91
N PRO D 56 -0.58 -9.49 28.39
CA PRO D 56 -1.38 -10.53 27.72
C PRO D 56 -2.90 -10.41 27.92
N LYS D 57 -3.36 -9.45 28.70
CA LYS D 57 -4.80 -9.28 28.93
C LYS D 57 -5.39 -8.22 28.00
N VAL D 58 -4.52 -7.46 27.34
CA VAL D 58 -4.92 -6.36 26.47
C VAL D 58 -4.42 -6.55 25.03
N PHE D 59 -3.21 -7.07 24.88
CA PHE D 59 -2.60 -7.26 23.55
C PHE D 59 -2.22 -8.72 23.28
N LYS D 60 -2.46 -9.17 22.04
CA LYS D 60 -2.03 -10.49 21.57
C LYS D 60 -1.27 -10.31 20.27
N LEU D 61 -0.13 -10.99 20.13
CA LEU D 61 0.67 -10.92 18.89
C LEU D 61 0.57 -12.21 18.11
N HIS D 62 0.23 -12.10 16.83
CA HIS D 62 0.21 -13.22 15.90
C HIS D 62 1.51 -13.11 15.10
N PRO D 63 2.43 -14.06 15.24
CA PRO D 63 3.76 -13.92 14.62
C PRO D 63 3.82 -13.98 13.08
N ARG D 64 3.09 -14.89 12.44
CA ARG D 64 3.15 -15.01 10.98
C ARG D 64 2.53 -13.84 10.23
N SER D 65 1.37 -13.38 10.69
CA SER D 65 0.64 -12.28 10.06
C SER D 65 1.18 -10.91 10.47
N GLY D 66 1.85 -10.85 11.63
CA GLY D 66 2.39 -9.60 12.14
C GLY D 66 1.36 -8.65 12.76
N GLU D 67 0.17 -9.17 13.03
CA GLU D 67 -0.92 -8.35 13.53
C GLU D 67 -0.86 -8.25 15.05
N LEU D 68 -0.93 -7.02 15.54
CA LEU D 68 -1.08 -6.75 16.97
C LEU D 68 -2.56 -6.52 17.29
N GLU D 69 -3.19 -7.54 17.87
CA GLU D 69 -4.61 -7.50 18.17
C GLU D 69 -4.84 -6.98 19.57
N VAL D 70 -5.62 -5.92 19.68
CA VAL D 70 -6.13 -5.49 21.00
C VAL D 70 -7.30 -6.41 21.37
N LEU D 71 -7.37 -6.81 22.62
CA LEU D 71 -8.37 -7.78 23.09
C LEU D 71 -9.55 -7.09 23.80
N VAL D 72 -9.42 -5.80 24.05
CA VAL D 72 -10.45 -5.01 24.74
C VAL D 72 -10.61 -3.65 24.06
N ASP D 73 -11.80 -3.04 24.20
CA ASP D 73 -12.03 -1.69 23.71
C ASP D 73 -11.15 -0.71 24.48
N GLY D 74 -10.80 0.41 23.86
CA GLY D 74 -10.06 1.44 24.57
C GLY D 74 -9.52 2.55 23.72
N THR D 75 -9.02 3.58 24.40
CA THR D 75 -8.23 4.63 23.79
C THR D 75 -6.80 4.11 23.70
N TYR D 76 -6.28 4.02 22.47
CA TYR D 76 -4.95 3.48 22.21
C TYR D 76 -4.03 4.48 21.51
N PHE D 77 -2.83 4.69 22.05
CA PHE D 77 -1.78 5.42 21.36
C PHE D 77 -0.92 4.39 20.67
N ILE D 78 -0.79 4.52 19.36
CA ILE D 78 -0.05 3.54 18.56
C ILE D 78 1.15 4.24 17.95
N TYR D 79 2.28 3.55 17.94
CA TYR D 79 3.52 4.11 17.41
C TYR D 79 4.37 3.04 16.71
N SER D 80 5.29 3.51 15.87
CA SER D 80 6.14 2.62 15.10
C SER D 80 7.37 3.35 14.56
N GLN D 81 8.39 2.57 14.23
CA GLN D 81 9.59 3.08 13.59
C GLN D 81 10.20 1.98 12.73
N VAL D 82 10.46 2.30 11.46
CA VAL D 82 11.11 1.38 10.55
C VAL D 82 12.46 1.98 10.15
N TYR D 83 13.53 1.19 10.27
CA TYR D 83 14.86 1.61 9.88
C TYR D 83 15.09 1.31 8.39
N TYR D 84 14.84 2.28 7.53
CA TYR D 84 15.17 2.16 6.10
C TYR D 84 16.69 2.07 5.89
N ILE D 85 17.12 1.08 5.10
CA ILE D 85 18.51 0.94 4.67
C ILE D 85 18.65 1.40 3.22
N ASN D 86 17.71 0.96 2.39
CA ASN D 86 17.81 1.17 0.97
C ASN D 86 16.45 1.10 0.28
N PHE D 87 16.26 1.96 -0.72
CA PHE D 87 15.04 1.94 -1.53
C PHE D 87 15.22 2.71 -2.85
N THR D 88 14.19 2.62 -3.69
CA THR D 88 14.15 3.30 -4.97
C THR D 88 13.12 4.43 -4.94
N ASP D 89 13.60 5.67 -5.00
CA ASP D 89 12.78 6.90 -5.01
C ASP D 89 12.02 7.18 -3.72
N PHE D 90 11.10 6.29 -3.35
CA PHE D 90 10.20 6.50 -2.23
C PHE D 90 10.09 5.28 -1.33
N ALA D 91 10.19 5.50 -0.02
CA ALA D 91 9.96 4.46 0.97
C ALA D 91 8.86 4.94 1.89
N SER D 92 7.78 4.18 1.93
CA SER D 92 6.65 4.53 2.77
C SER D 92 6.18 3.29 3.51
N TYR D 93 5.65 3.49 4.72
CA TYR D 93 4.87 2.45 5.38
C TYR D 93 3.62 3.06 6.00
N GLU D 94 2.69 2.17 6.34
CA GLU D 94 1.42 2.56 6.91
C GLU D 94 1.17 1.77 8.18
N VAL D 95 0.73 2.45 9.22
CA VAL D 95 0.16 1.76 10.36
C VAL D 95 -1.29 1.53 9.95
N VAL D 96 -1.69 0.27 9.84
CA VAL D 96 -3.04 -0.06 9.42
C VAL D 96 -3.85 -0.63 10.57
N VAL D 97 -5.15 -0.36 10.55
CA VAL D 97 -6.10 -0.92 11.50
C VAL D 97 -7.17 -1.67 10.70
N ASP D 98 -7.17 -3.00 10.82
CA ASP D 98 -8.02 -3.89 10.02
C ASP D 98 -7.81 -3.63 8.53
N GLU D 99 -6.53 -3.52 8.17
CA GLU D 99 -6.07 -3.35 6.78
C GLU D 99 -6.45 -2.02 6.15
N LYS D 100 -6.81 -1.04 6.99
CA LYS D 100 -7.15 0.30 6.55
C LYS D 100 -6.06 1.23 7.09
N PRO D 101 -5.38 1.98 6.22
CA PRO D 101 -4.37 2.92 6.68
C PRO D 101 -4.92 3.92 7.72
N PHE D 102 -4.14 4.11 8.79
CA PHE D 102 -4.42 5.09 9.82
C PHE D 102 -3.30 6.15 9.87
N LEU D 103 -2.04 5.70 9.86
CA LEU D 103 -0.88 6.59 9.84
C LEU D 103 0.08 6.23 8.70
N GLN D 104 0.85 7.21 8.24
CA GLN D 104 1.84 6.99 7.17
C GLN D 104 3.16 7.71 7.46
N CYS D 105 4.28 7.05 7.13
CA CYS D 105 5.61 7.64 7.28
C CYS D 105 6.41 7.48 5.98
N THR D 106 6.86 8.60 5.41
CA THR D 106 7.44 8.62 4.07
C THR D 106 8.82 9.29 4.01
N ARG D 107 9.71 8.70 3.23
CA ARG D 107 11.04 9.26 2.96
C ARG D 107 11.34 9.22 1.47
N SER D 108 12.36 9.97 1.08
CA SER D 108 12.78 10.06 -0.31
C SER D 108 14.29 9.87 -0.46
N ILE D 109 14.71 9.61 -1.71
CA ILE D 109 16.11 9.29 -2.01
C ILE D 109 16.48 9.66 -3.45
N GLU D 110 17.75 10.06 -3.64
CA GLU D 110 18.36 10.24 -4.97
C GLU D 110 18.68 8.86 -5.56
N THR D 111 18.76 8.75 -6.88
CA THR D 111 19.09 7.48 -7.52
C THR D 111 20.58 7.16 -7.34
N GLY D 112 20.90 5.86 -7.25
CA GLY D 112 22.27 5.41 -7.04
C GLY D 112 22.73 5.66 -5.61
N LYS D 113 21.86 6.28 -4.83
CA LYS D 113 22.13 6.60 -3.45
C LYS D 113 21.49 5.52 -2.60
N THR D 114 21.84 5.55 -1.33
CA THR D 114 21.37 4.59 -0.33
C THR D 114 21.08 5.43 0.91
N ASN D 115 19.92 5.23 1.53
CA ASN D 115 19.47 6.12 2.60
C ASN D 115 19.14 5.39 3.89
N TYR D 116 20.02 5.52 4.88
CA TYR D 116 19.79 5.00 6.23
C TYR D 116 19.03 6.05 7.02
N ASN D 117 17.82 5.69 7.43
CA ASN D 117 16.89 6.64 8.01
C ASN D 117 15.82 5.92 8.82
N THR D 118 15.62 6.35 10.07
CA THR D 118 14.55 5.80 10.89
C THR D 118 13.29 6.63 10.69
N CYS D 119 12.25 5.99 10.19
CA CYS D 119 10.99 6.66 9.89
C CYS D 119 10.01 6.38 11.02
N TYR D 120 9.84 7.36 11.90
CA TYR D 120 8.96 7.24 13.05
C TYR D 120 7.63 7.94 12.78
N THR D 121 6.53 7.29 13.20
CA THR D 121 5.23 7.94 13.28
C THR D 121 4.40 7.39 14.43
N ALA D 122 3.37 8.13 14.82
CA ALA D 122 2.53 7.76 15.96
C ALA D 122 1.22 8.53 15.94
N GLY D 123 0.20 7.96 16.58
CA GLY D 123 -1.11 8.60 16.68
C GLY D 123 -2.08 7.89 17.59
N VAL D 124 -3.02 8.65 18.12
CA VAL D 124 -4.01 8.11 19.05
C VAL D 124 -5.34 7.87 18.32
N CYS D 125 -6.06 6.83 18.75
CA CYS D 125 -7.36 6.49 18.18
C CYS D 125 -8.17 5.67 19.17
N LEU D 126 -9.45 5.51 18.88
CA LEU D 126 -10.33 4.63 19.65
C LEU D 126 -10.50 3.33 18.88
N LEU D 127 -10.40 2.21 19.59
CA LEU D 127 -10.52 0.89 18.99
C LEU D 127 -11.50 0.02 19.76
N LYS D 128 -12.05 -0.98 19.07
CA LYS D 128 -12.90 -1.98 19.68
C LYS D 128 -12.12 -3.28 19.82
N ALA D 129 -12.61 -4.18 20.66
CA ALA D 129 -11.96 -5.46 20.88
C ALA D 129 -11.91 -6.25 19.57
N ARG D 130 -10.85 -7.05 19.41
CA ARG D 130 -10.60 -7.88 18.24
C ARG D 130 -9.98 -7.14 17.03
N GLN D 131 -10.00 -5.81 17.03
CA GLN D 131 -9.36 -5.02 15.96
C GLN D 131 -7.85 -5.25 15.94
N LYS D 132 -7.29 -5.31 14.73
CA LYS D 132 -5.91 -5.72 14.51
C LYS D 132 -5.06 -4.61 13.90
N ILE D 133 -3.89 -4.37 14.50
CA ILE D 133 -2.99 -3.33 14.06
C ILE D 133 -1.79 -3.99 13.41
N ALA D 134 -1.28 -3.38 12.34
CA ALA D 134 -0.13 -3.92 11.63
C ALA D 134 0.68 -2.80 10.96
N VAL D 135 1.97 -3.05 10.75
CA VAL D 135 2.83 -2.13 10.02
C VAL D 135 2.97 -2.69 8.60
N LYS D 136 2.51 -1.93 7.62
CA LYS D 136 2.53 -2.36 6.23
C LYS D 136 3.49 -1.49 5.40
N MET D 137 4.54 -2.12 4.89
CA MET D 137 5.44 -1.52 3.92
C MET D 137 4.71 -1.41 2.59
N VAL D 138 4.61 -0.20 2.05
CA VAL D 138 3.89 0.02 0.80
C VAL D 138 4.74 -0.28 -0.42
N HIS D 139 6.05 -0.03 -0.32
CA HIS D 139 6.96 -0.21 -1.44
C HIS D 139 7.77 -1.49 -1.37
N ALA D 140 7.81 -2.20 -2.49
CA ALA D 140 8.47 -3.51 -2.57
C ALA D 140 9.99 -3.41 -2.56
N ASP D 141 10.55 -2.31 -3.07
CA ASP D 141 12.00 -2.22 -3.21
C ASP D 141 12.69 -1.68 -1.94
N ILE D 142 12.00 -1.72 -0.81
CA ILE D 142 12.57 -1.30 0.45
C ILE D 142 13.37 -2.45 1.06
N SER D 143 14.56 -2.12 1.57
CA SER D 143 15.29 -2.98 2.51
C SER D 143 15.22 -2.36 3.89
N ILE D 144 15.06 -3.19 4.91
CA ILE D 144 14.89 -2.74 6.29
C ILE D 144 15.90 -3.42 7.23
N ASN D 145 16.45 -2.65 8.15
CA ASN D 145 17.29 -3.17 9.24
C ASN D 145 16.38 -3.46 10.44
N MET D 146 16.24 -4.73 10.79
CA MET D 146 15.33 -5.16 11.86
C MET D 146 15.96 -5.17 13.24
N SER D 147 16.96 -4.32 13.48
CA SER D 147 17.62 -4.24 14.78
C SER D 147 16.60 -3.80 15.84
N LYS D 148 16.71 -4.37 17.03
CA LYS D 148 15.74 -4.15 18.11
C LYS D 148 15.58 -2.68 18.54
N HIS D 149 16.64 -1.89 18.41
CA HIS D 149 16.61 -0.49 18.85
C HIS D 149 16.18 0.49 17.75
N THR D 150 16.25 0.07 16.49
CA THR D 150 15.97 0.93 15.33
C THR D 150 14.60 0.69 14.68
N THR D 151 14.10 -0.54 14.78
CA THR D 151 12.81 -0.91 14.21
C THR D 151 11.93 -1.51 15.29
N PHE D 152 10.82 -0.85 15.59
CA PHE D 152 9.92 -1.29 16.65
C PHE D 152 8.47 -0.88 16.38
N PHE D 153 7.55 -1.33 17.23
CA PHE D 153 6.12 -1.24 16.99
C PHE D 153 5.42 -1.44 18.31
N GLY D 154 4.67 -0.44 18.77
CA GLY D 154 4.07 -0.50 20.08
C GLY D 154 2.74 0.20 20.24
N ALA D 155 2.19 0.10 21.45
CA ALA D 155 0.90 0.70 21.76
C ALA D 155 0.74 0.88 23.26
N ILE D 156 -0.13 1.82 23.62
CA ILE D 156 -0.43 2.11 25.01
C ILE D 156 -1.94 2.23 25.12
N ARG D 157 -2.54 1.39 25.96
CA ARG D 157 -3.93 1.58 26.33
C ARG D 157 -3.99 2.62 27.44
N LEU D 158 -4.29 3.85 27.06
CA LEU D 158 -4.36 4.97 28.00
C LEU D 158 -5.51 4.85 28.99
N GLY D 159 -6.58 4.16 28.56
CA GLY D 159 -7.74 3.94 29.40
C GLY D 159 -8.93 3.45 28.60
N GLU D 160 -10.13 3.62 29.16
CA GLU D 160 -11.37 3.28 28.45
C GLU D 160 -11.61 4.31 27.33
N ALA D 161 -12.43 3.94 26.35
CA ALA D 161 -12.87 4.88 25.33
C ALA D 161 -14.22 5.49 25.73
N PRO D 162 -14.53 6.70 25.24
CA PRO D 162 -15.85 7.29 25.47
C PRO D 162 -16.97 6.49 24.79
N PRO E 23 -0.52 11.36 36.20
CA PRO E 23 0.82 10.92 35.69
C PRO E 23 1.90 11.98 35.86
N ALA E 24 3.10 11.53 36.20
CA ALA E 24 4.25 12.41 36.39
C ALA E 24 5.00 12.58 35.09
N VAL E 25 5.40 13.81 34.78
CA VAL E 25 6.10 14.10 33.53
C VAL E 25 7.38 14.91 33.71
N VAL E 26 8.23 14.82 32.70
CA VAL E 26 9.42 15.65 32.57
C VAL E 26 9.64 16.01 31.10
N HIS E 27 9.86 17.30 30.84
CA HIS E 27 10.24 17.77 29.51
C HIS E 27 11.47 18.66 29.60
N LEU E 28 12.60 18.09 29.19
CA LEU E 28 13.87 18.81 29.14
C LEU E 28 14.04 19.44 27.78
N GLN E 29 14.52 20.68 27.77
CA GLN E 29 14.72 21.45 26.55
C GLN E 29 16.15 21.97 26.46
N GLY E 30 16.62 22.18 25.23
CA GLY E 30 17.94 22.74 25.03
C GLY E 30 18.03 24.19 25.48
N GLN E 31 19.24 24.63 25.81
CA GLN E 31 19.47 25.99 26.32
C GLN E 31 20.41 26.80 25.43
N GLY E 32 20.35 26.56 24.12
CA GLY E 32 21.23 27.23 23.17
C GLY E 32 20.44 28.15 22.25
N SER E 33 21.15 29.10 21.63
CA SER E 33 20.57 30.01 20.64
C SER E 33 20.65 29.37 19.24
N ALA E 34 20.95 30.17 18.22
CA ALA E 34 21.21 29.66 16.87
C ALA E 34 22.72 29.45 16.64
N ILE E 35 23.37 28.77 17.57
CA ILE E 35 24.77 28.39 17.47
C ILE E 35 24.91 26.89 17.77
N GLN E 36 25.66 26.18 16.93
CA GLN E 36 25.79 24.72 17.04
C GLN E 36 26.86 24.30 18.06
N VAL E 37 26.75 23.07 18.54
CA VAL E 37 27.76 22.45 19.40
C VAL E 37 28.45 21.29 18.64
N LYS E 38 29.78 21.26 18.69
CA LYS E 38 30.59 20.40 17.82
C LYS E 38 31.28 19.23 18.53
N ASN E 39 31.28 19.21 19.87
CA ASN E 39 31.69 18.01 20.60
C ASN E 39 30.48 17.07 20.64
N ASP E 40 30.23 16.40 21.77
CA ASP E 40 29.09 15.50 21.94
C ASP E 40 29.33 14.15 21.25
N LEU E 41 30.42 14.05 20.52
CA LEU E 41 30.73 12.87 19.76
C LEU E 41 30.86 11.59 20.64
N SER E 42 29.98 10.62 20.34
CA SER E 42 29.86 9.27 20.97
C SER E 42 30.47 8.95 22.29
N GLY E 43 29.64 8.36 23.14
CA GLY E 43 29.88 8.43 24.55
C GLY E 43 29.73 9.91 24.64
N GLY E 44 28.61 10.38 24.13
CA GLY E 44 28.43 11.78 23.85
C GLY E 44 27.08 12.16 24.39
N VAL E 45 26.92 11.98 25.70
CA VAL E 45 25.65 12.21 26.36
C VAL E 45 25.36 13.70 26.37
N LEU E 46 24.18 14.09 25.90
CA LEU E 46 23.77 15.49 25.91
C LEU E 46 23.42 15.91 27.33
N ASN E 47 23.95 17.05 27.76
CA ASN E 47 23.84 17.44 29.18
C ASN E 47 23.40 18.87 29.50
N ASP E 48 23.40 19.75 28.50
CA ASP E 48 23.06 21.16 28.74
C ASP E 48 21.53 21.34 28.65
N TRP E 49 20.83 20.67 29.56
CA TRP E 49 19.38 20.58 29.54
C TRP E 49 18.75 21.60 30.48
N SER E 50 17.61 22.16 30.06
CA SER E 50 16.80 23.07 30.88
C SER E 50 15.63 22.29 31.45
N ARG E 51 15.46 22.34 32.76
CA ARG E 51 14.40 21.58 33.43
C ARG E 51 13.18 22.44 33.71
N ILE E 52 12.40 22.68 32.66
CA ILE E 52 11.23 23.57 32.76
C ILE E 52 10.05 22.93 33.50
N THR E 53 9.80 21.66 33.20
CA THR E 53 8.76 20.91 33.90
C THR E 53 9.34 19.55 34.28
N MET E 54 9.28 19.22 35.57
CA MET E 54 9.86 18.00 36.09
C MET E 54 9.30 17.70 37.46
N ASN E 55 8.46 16.67 37.54
CA ASN E 55 7.92 16.22 38.81
C ASN E 55 9.06 15.71 39.69
N PRO E 56 9.37 16.39 40.79
CA PRO E 56 10.53 16.04 41.64
C PRO E 56 10.43 14.69 42.36
N LYS E 57 9.24 14.08 42.40
CA LYS E 57 9.02 12.84 43.14
C LYS E 57 9.26 11.61 42.28
N VAL E 58 9.37 11.81 40.97
CA VAL E 58 9.56 10.72 40.00
C VAL E 58 10.84 10.89 39.17
N PHE E 59 11.22 12.12 38.87
CA PHE E 59 12.35 12.40 38.00
C PHE E 59 13.40 13.26 38.70
N LYS E 60 14.67 12.97 38.42
CA LYS E 60 15.78 13.79 38.88
C LYS E 60 16.82 13.88 37.77
N LEU E 61 16.99 15.06 37.21
CA LEU E 61 18.06 15.30 36.24
C LEU E 61 19.40 15.45 36.96
N HIS E 62 20.43 14.84 36.39
CA HIS E 62 21.81 15.05 36.84
C HIS E 62 22.47 15.89 35.76
N PRO E 63 22.61 17.19 35.99
CA PRO E 63 23.10 18.12 34.95
C PRO E 63 24.51 17.82 34.43
N ARG E 64 25.43 17.47 35.31
CA ARG E 64 26.82 17.22 34.91
C ARG E 64 26.92 16.06 33.90
N SER E 65 26.12 15.02 34.09
CA SER E 65 26.13 13.87 33.19
C SER E 65 25.15 14.02 32.02
N GLY E 66 24.04 14.72 32.27
CA GLY E 66 22.93 14.76 31.33
C GLY E 66 21.96 13.60 31.44
N GLU E 67 22.19 12.73 32.43
CA GLU E 67 21.35 11.56 32.63
C GLU E 67 20.13 11.91 33.49
N LEU E 68 18.98 11.38 33.10
CA LEU E 68 17.73 11.53 33.81
C LEU E 68 17.43 10.25 34.60
N GLU E 69 17.33 10.37 35.90
CA GLU E 69 17.10 9.22 36.78
C GLU E 69 15.62 9.12 37.12
N VAL E 70 15.03 7.95 36.93
CA VAL E 70 13.69 7.67 37.44
C VAL E 70 13.81 7.22 38.90
N LEU E 71 12.90 7.69 39.74
CA LEU E 71 13.01 7.48 41.19
C LEU E 71 12.05 6.41 41.72
N VAL E 72 11.07 6.03 40.90
CA VAL E 72 10.10 5.00 41.26
C VAL E 72 9.99 3.99 40.12
N ASP E 73 9.65 2.74 40.47
CA ASP E 73 9.27 1.73 39.49
C ASP E 73 8.08 2.26 38.69
N GLY E 74 7.95 1.83 37.44
CA GLY E 74 6.78 2.18 36.65
C GLY E 74 6.86 1.88 35.17
N THR E 75 5.74 2.09 34.48
CA THR E 75 5.71 2.08 33.02
C THR E 75 5.99 3.49 32.55
N TYR E 76 6.97 3.63 31.65
CA TYR E 76 7.44 4.94 31.19
C TYR E 76 7.40 5.05 29.66
N PHE E 77 6.82 6.14 29.17
CA PHE E 77 6.98 6.57 27.77
C PHE E 77 8.14 7.53 27.70
N ILE E 78 9.11 7.26 26.83
CA ILE E 78 10.31 8.10 26.70
C ILE E 78 10.41 8.65 25.28
N TYR E 79 10.81 9.91 25.15
CA TYR E 79 10.95 10.54 23.84
C TYR E 79 12.16 11.47 23.78
N SER E 80 12.70 11.66 22.60
CA SER E 80 13.81 12.57 22.37
C SER E 80 13.75 13.16 20.97
N GLN E 81 14.41 14.29 20.80
CA GLN E 81 14.59 14.91 19.49
C GLN E 81 15.90 15.68 19.52
N VAL E 82 16.77 15.38 18.55
CA VAL E 82 18.03 16.09 18.42
C VAL E 82 18.01 16.85 17.11
N TYR E 83 18.33 18.14 17.16
CA TYR E 83 18.38 18.94 15.95
C TYR E 83 19.77 18.87 15.33
N TYR E 84 19.90 18.12 14.24
CA TYR E 84 21.15 18.06 13.48
C TYR E 84 21.27 19.25 12.56
N ILE E 85 22.47 19.84 12.50
CA ILE E 85 22.71 21.03 11.68
C ILE E 85 23.65 20.68 10.54
N ASN E 86 24.87 20.26 10.89
CA ASN E 86 25.85 19.88 9.88
C ASN E 86 26.44 18.52 10.20
N PHE E 87 26.46 17.62 9.22
CA PHE E 87 27.16 16.34 9.37
C PHE E 87 27.66 15.78 8.03
N THR E 88 28.67 14.93 8.11
CA THR E 88 29.45 14.50 6.94
C THR E 88 28.89 13.29 6.20
N ASP E 89 28.33 12.35 6.95
CA ASP E 89 27.97 11.03 6.40
C ASP E 89 26.76 10.46 7.13
N PHE E 90 26.88 10.29 8.44
CA PHE E 90 25.75 9.84 9.26
C PHE E 90 25.58 10.69 10.50
N ALA E 91 24.33 10.95 10.85
CA ALA E 91 23.97 11.53 12.12
C ALA E 91 23.14 10.47 12.84
N SER E 92 23.48 10.19 14.09
CA SER E 92 22.78 9.16 14.84
C SER E 92 22.97 9.31 16.35
N TYR E 93 21.91 9.08 17.11
CA TYR E 93 21.99 9.01 18.57
C TYR E 93 21.14 7.86 19.10
N GLU E 94 21.44 7.43 20.32
CA GLU E 94 20.65 6.42 21.01
C GLU E 94 20.03 6.99 22.28
N VAL E 95 18.81 6.58 22.60
CA VAL E 95 18.29 6.71 23.97
C VAL E 95 18.73 5.48 24.75
N VAL E 96 19.63 5.68 25.70
CA VAL E 96 20.18 4.58 26.50
C VAL E 96 19.57 4.54 27.89
N VAL E 97 19.37 3.32 28.39
CA VAL E 97 18.87 3.06 29.73
C VAL E 97 19.94 2.26 30.47
N ASP E 98 20.53 2.87 31.50
CA ASP E 98 21.70 2.30 32.18
C ASP E 98 22.71 1.87 31.11
N GLU E 99 23.09 2.83 30.28
CA GLU E 99 24.15 2.68 29.28
C GLU E 99 23.80 1.74 28.11
N LYS E 100 22.65 1.06 28.17
CA LYS E 100 22.25 0.05 27.18
C LYS E 100 21.25 0.63 26.19
N PRO E 101 21.54 0.58 24.88
CA PRO E 101 20.66 1.19 23.88
C PRO E 101 19.22 0.65 23.94
N PHE E 102 18.25 1.56 23.82
CA PHE E 102 16.83 1.19 23.83
C PHE E 102 16.18 1.68 22.53
N LEU E 103 16.37 2.96 22.23
CA LEU E 103 15.89 3.54 20.98
C LEU E 103 17.05 4.16 20.20
N GLN E 104 16.88 4.26 18.89
CA GLN E 104 17.89 4.87 18.03
C GLN E 104 17.20 5.74 16.97
N CYS E 105 17.78 6.92 16.73
CA CYS E 105 17.31 7.80 15.66
C CYS E 105 18.48 8.07 14.71
N THR E 106 18.26 7.81 13.42
CA THR E 106 19.33 7.89 12.43
C THR E 106 18.93 8.71 11.20
N ARG E 107 19.90 9.46 10.68
CA ARG E 107 19.77 10.22 9.43
C ARG E 107 21.02 10.00 8.57
N SER E 108 20.82 10.00 7.24
CA SER E 108 21.91 10.08 6.29
C SER E 108 21.85 11.42 5.55
N ILE E 109 22.83 11.65 4.68
CA ILE E 109 22.82 12.83 3.82
C ILE E 109 21.62 12.83 2.88
N GLU E 110 20.73 13.81 3.02
CA GLU E 110 19.87 14.22 1.91
C GLU E 110 20.72 15.27 1.20
N THR E 111 21.05 15.00 -0.06
CA THR E 111 22.28 15.52 -0.70
C THR E 111 22.82 16.87 -0.24
N GLY E 112 24.16 16.91 -0.13
CA GLY E 112 24.97 18.11 -0.01
C GLY E 112 24.35 19.43 0.42
N LYS E 113 25.21 20.32 0.92
CA LYS E 113 24.76 21.59 1.49
C LYS E 113 23.82 21.30 2.65
N THR E 114 23.07 22.31 3.09
CA THR E 114 22.09 22.18 4.19
C THR E 114 21.65 20.75 4.51
N ASN E 115 22.02 20.26 5.69
CA ASN E 115 21.46 19.00 6.24
C ASN E 115 20.72 19.21 7.57
N TYR E 116 20.01 20.32 7.68
CA TYR E 116 19.19 20.61 8.86
C TYR E 116 18.05 19.61 8.99
N ASN E 117 18.00 18.91 10.11
CA ASN E 117 17.07 17.80 10.27
C ASN E 117 16.82 17.40 11.72
N THR E 118 15.58 17.54 12.17
CA THR E 118 15.18 17.09 13.50
C THR E 118 14.95 15.57 13.51
N CYS E 119 15.59 14.90 14.45
CA CYS E 119 15.54 13.45 14.52
C CYS E 119 14.81 13.05 15.81
N TYR E 120 13.53 12.73 15.66
CA TYR E 120 12.68 12.36 16.80
C TYR E 120 12.52 10.84 16.86
N THR E 121 12.62 10.30 18.08
CA THR E 121 12.20 8.94 18.36
C THR E 121 11.60 8.81 19.77
N ALA E 122 10.86 7.73 19.98
CA ALA E 122 10.17 7.49 21.25
C ALA E 122 9.76 6.02 21.38
N GLY E 123 9.36 5.63 22.59
CA GLY E 123 8.95 4.27 22.86
C GLY E 123 8.70 4.01 24.34
N VAL E 124 8.01 2.92 24.66
CA VAL E 124 7.61 2.60 26.03
C VAL E 124 8.40 1.43 26.59
N CYS E 125 8.69 1.49 27.88
CA CYS E 125 9.36 0.39 28.59
C CYS E 125 9.13 0.44 30.09
N LEU E 126 9.31 -0.71 30.73
CA LEU E 126 9.16 -0.81 32.18
C LEU E 126 10.51 -0.56 32.83
N LEU E 127 10.56 0.39 33.76
CA LEU E 127 11.79 0.72 34.48
C LEU E 127 11.63 0.57 35.99
N LYS E 128 12.74 0.30 36.67
CA LYS E 128 12.78 0.22 38.12
C LYS E 128 13.44 1.47 38.66
N ALA E 129 13.23 1.74 39.96
CA ALA E 129 13.79 2.91 40.62
C ALA E 129 15.31 2.95 40.49
N ARG E 130 15.86 4.16 40.44
CA ARG E 130 17.30 4.41 40.29
C ARG E 130 17.89 4.21 38.87
N GLN E 131 17.13 3.64 37.95
CA GLN E 131 17.58 3.48 36.57
C GLN E 131 17.69 4.85 35.90
N LYS E 132 18.58 4.98 34.93
CA LYS E 132 18.88 6.26 34.30
C LYS E 132 18.75 6.19 32.79
N ILE E 133 18.21 7.26 32.21
CA ILE E 133 18.00 7.36 30.78
C ILE E 133 18.84 8.52 30.26
N ALA E 134 19.29 8.45 29.02
CA ALA E 134 20.16 9.48 28.48
C ALA E 134 20.11 9.51 26.96
N VAL E 135 20.33 10.69 26.38
CA VAL E 135 20.47 10.81 24.94
C VAL E 135 21.95 10.85 24.62
N LYS E 136 22.41 9.83 23.90
CA LYS E 136 23.84 9.64 23.64
C LYS E 136 24.10 9.61 22.14
N MET E 137 24.90 10.57 21.66
CA MET E 137 25.30 10.63 20.27
C MET E 137 26.22 9.45 19.95
N VAL E 138 26.19 8.98 18.70
CA VAL E 138 27.15 7.98 18.23
C VAL E 138 28.41 8.68 17.75
N HIS E 139 29.46 7.90 17.52
CA HIS E 139 30.76 8.44 17.15
C HIS E 139 30.71 8.98 15.73
N ALA E 140 30.66 10.31 15.60
CA ALA E 140 30.79 10.97 14.30
C ALA E 140 31.13 12.45 14.41
N ASP E 141 31.63 13.03 13.33
CA ASP E 141 31.79 14.48 13.26
C ASP E 141 30.41 15.06 12.99
N ILE E 142 29.84 15.72 13.99
CA ILE E 142 28.47 16.21 13.89
C ILE E 142 28.19 17.42 14.78
N SER E 143 27.46 18.38 14.23
CA SER E 143 27.07 19.60 14.91
C SER E 143 25.57 19.55 15.15
N ILE E 144 25.15 19.95 16.35
CA ILE E 144 23.74 19.99 16.70
C ILE E 144 23.38 21.38 17.26
N ASN E 145 22.13 21.78 17.05
CA ASN E 145 21.59 22.97 17.68
C ASN E 145 20.78 22.57 18.91
N MET E 146 21.16 23.08 20.07
CA MET E 146 20.48 22.78 21.33
C MET E 146 19.42 23.82 21.68
N SER E 147 18.56 24.20 20.75
CA SER E 147 17.50 25.19 21.02
C SER E 147 16.38 24.52 21.80
N LYS E 148 15.59 25.31 22.53
CA LYS E 148 14.56 24.75 23.42
C LYS E 148 13.37 24.10 22.69
N HIS E 149 13.20 24.41 21.40
CA HIS E 149 12.11 23.86 20.61
C HIS E 149 12.57 22.78 19.61
N THR E 150 13.88 22.70 19.36
CA THR E 150 14.41 21.80 18.34
C THR E 150 15.08 20.57 18.93
N THR E 151 15.61 20.70 20.14
CA THR E 151 16.27 19.60 20.82
C THR E 151 15.73 19.45 22.23
N PHE E 152 15.06 18.31 22.48
CA PHE E 152 14.42 18.07 23.76
C PHE E 152 14.47 16.58 24.15
N PHE E 153 14.05 16.30 25.38
CA PHE E 153 14.19 14.98 25.97
C PHE E 153 13.25 14.88 27.16
N GLY E 154 12.34 13.92 27.12
CA GLY E 154 11.30 13.82 28.12
C GLY E 154 10.79 12.42 28.40
N ALA E 155 9.88 12.34 29.36
CA ALA E 155 9.37 11.06 29.81
C ALA E 155 8.04 11.24 30.54
N ILE E 156 7.19 10.22 30.43
CA ILE E 156 5.90 10.22 31.09
C ILE E 156 5.82 8.92 31.88
N ARG E 157 5.67 9.02 33.20
CA ARG E 157 5.28 7.87 34.01
C ARG E 157 3.78 7.66 33.81
N LEU E 158 3.45 6.75 32.90
CA LEU E 158 2.07 6.41 32.60
C LEU E 158 1.35 5.82 33.81
N GLY E 159 2.06 4.96 34.53
CA GLY E 159 1.54 4.40 35.76
C GLY E 159 2.52 3.44 36.43
N GLU E 160 1.98 2.48 37.16
CA GLU E 160 2.80 1.45 37.79
C GLU E 160 3.25 0.43 36.74
N ALA E 161 4.24 -0.40 37.08
CA ALA E 161 4.66 -1.50 36.20
C ALA E 161 3.99 -2.81 36.60
N PRO E 162 3.68 -3.66 35.63
CA PRO E 162 3.11 -4.99 35.91
C PRO E 162 3.89 -5.77 36.96
N PRO F 23 -8.26 9.27 30.35
CA PRO F 23 -7.61 10.37 29.57
C PRO F 23 -8.42 10.78 28.35
N ALA F 24 -8.58 12.08 28.15
CA ALA F 24 -9.28 12.62 26.99
C ALA F 24 -8.30 12.82 25.84
N VAL F 25 -8.74 12.59 24.60
CA VAL F 25 -7.85 12.69 23.46
C VAL F 25 -8.47 13.39 22.26
N VAL F 26 -7.60 13.88 21.38
CA VAL F 26 -7.99 14.43 20.10
C VAL F 26 -6.98 14.02 19.03
N HIS F 27 -7.50 13.48 17.92
CA HIS F 27 -6.69 13.25 16.73
C HIS F 27 -7.35 13.94 15.55
N LEU F 28 -6.67 14.94 15.00
CA LEU F 28 -7.11 15.72 13.84
C LEU F 28 -6.36 15.24 12.60
N GLN F 29 -7.08 15.12 11.49
CA GLN F 29 -6.53 14.60 10.24
C GLN F 29 -6.70 15.61 9.12
N GLY F 30 -5.75 15.64 8.18
CA GLY F 30 -5.90 16.43 6.97
C GLY F 30 -7.07 15.93 6.13
N GLN F 31 -7.66 16.83 5.35
CA GLN F 31 -8.84 16.49 4.54
C GLN F 31 -8.50 16.11 3.09
N GLY F 32 -7.27 16.41 2.66
CA GLY F 32 -6.66 15.72 1.54
C GLY F 32 -6.35 16.51 0.29
N SER F 33 -6.04 17.79 0.43
CA SER F 33 -5.63 18.58 -0.74
C SER F 33 -4.20 19.07 -0.60
N ALA F 34 -3.61 19.45 -1.72
CA ALA F 34 -2.27 20.03 -1.76
C ALA F 34 -2.37 21.47 -1.32
N ILE F 35 -1.58 21.86 -0.33
CA ILE F 35 -1.57 23.22 0.17
C ILE F 35 -0.22 23.88 -0.08
N GLN F 36 -0.24 25.00 -0.79
CA GLN F 36 0.90 25.90 -0.85
C GLN F 36 0.71 26.93 0.25
N VAL F 37 1.69 27.00 1.16
CA VAL F 37 1.58 27.80 2.37
C VAL F 37 1.15 29.25 2.15
N LYS F 38 1.79 29.94 1.22
CA LYS F 38 1.55 31.38 1.05
C LYS F 38 0.30 31.74 0.26
N ASN F 39 -0.34 30.77 -0.38
CA ASN F 39 -1.55 31.02 -1.18
C ASN F 39 -2.85 30.47 -0.56
N ASP F 40 -2.74 29.59 0.44
CA ASP F 40 -3.89 28.97 1.09
C ASP F 40 -4.03 29.23 2.60
N LEU F 41 -2.93 29.60 3.26
CA LEU F 41 -2.91 29.77 4.70
C LEU F 41 -2.76 31.23 5.14
N SER F 42 -3.24 31.51 6.34
CA SER F 42 -3.10 32.82 6.98
C SER F 42 -1.97 32.76 7.98
N GLY F 43 -0.86 33.43 7.68
CA GLY F 43 0.30 33.44 8.55
C GLY F 43 0.90 32.05 8.80
N GLY F 44 0.71 31.15 7.85
CA GLY F 44 1.31 29.83 7.90
C GLY F 44 0.57 28.78 8.72
N VAL F 45 -0.60 29.10 9.27
CA VAL F 45 -1.28 28.21 10.20
C VAL F 45 -2.18 27.20 9.46
N LEU F 46 -1.94 25.91 9.69
CA LEU F 46 -2.77 24.85 9.12
C LEU F 46 -4.15 24.86 9.77
N ASN F 47 -5.20 24.85 8.96
CA ASN F 47 -6.56 25.07 9.46
C ASN F 47 -7.66 24.19 8.89
N ASP F 48 -7.36 23.29 7.96
CA ASP F 48 -8.40 22.51 7.29
C ASP F 48 -8.46 21.11 7.87
N TRP F 49 -8.68 21.03 9.20
CA TRP F 49 -8.58 19.78 9.93
C TRP F 49 -9.93 19.04 10.01
N SER F 50 -9.85 17.71 9.92
CA SER F 50 -10.98 16.82 10.11
C SER F 50 -10.93 16.29 11.55
N ARG F 51 -11.98 16.57 12.33
CA ARG F 51 -12.06 16.12 13.73
C ARG F 51 -12.67 14.71 13.82
N ILE F 52 -11.86 13.67 13.57
CA ILE F 52 -12.37 12.29 13.63
C ILE F 52 -12.66 11.84 15.06
N THR F 53 -11.71 12.10 15.96
CA THR F 53 -11.93 11.87 17.38
C THR F 53 -11.50 13.13 18.12
N MET F 54 -12.38 13.61 18.99
CA MET F 54 -12.10 14.80 19.79
C MET F 54 -13.06 14.81 20.97
N ASN F 55 -12.50 14.84 22.17
CA ASN F 55 -13.28 14.90 23.38
C ASN F 55 -13.74 16.35 23.57
N PRO F 56 -15.05 16.61 23.47
CA PRO F 56 -15.56 17.99 23.53
C PRO F 56 -15.48 18.62 24.93
N LYS F 57 -15.33 17.77 25.95
CA LYS F 57 -15.23 18.23 27.34
C LYS F 57 -13.86 18.81 27.68
N VAL F 58 -12.87 18.50 26.84
CA VAL F 58 -11.50 18.96 27.03
C VAL F 58 -10.98 19.80 25.86
N PHE F 59 -11.39 19.46 24.65
CA PHE F 59 -10.88 20.08 23.44
C PHE F 59 -11.98 20.75 22.60
N LYS F 60 -11.64 21.90 22.04
CA LYS F 60 -12.45 22.58 21.04
C LYS F 60 -11.55 22.90 19.85
N LEU F 61 -12.05 22.70 18.65
CA LEU F 61 -11.34 23.11 17.44
C LEU F 61 -12.04 24.29 16.77
N HIS F 62 -11.30 25.38 16.58
CA HIS F 62 -11.78 26.55 15.84
C HIS F 62 -11.42 26.29 14.37
N PRO F 63 -12.41 26.07 13.49
CA PRO F 63 -12.11 25.69 12.10
C PRO F 63 -11.43 26.76 11.27
N ARG F 64 -11.84 28.02 11.41
CA ARG F 64 -11.21 29.11 10.68
C ARG F 64 -9.72 29.20 10.99
N SER F 65 -9.40 29.47 12.25
CA SER F 65 -8.02 29.78 12.66
C SER F 65 -7.12 28.55 12.74
N GLY F 66 -7.72 27.36 12.82
CA GLY F 66 -6.97 26.12 12.95
C GLY F 66 -6.40 25.90 14.34
N GLU F 67 -6.94 26.61 15.32
CA GLU F 67 -6.42 26.57 16.68
C GLU F 67 -7.16 25.57 17.56
N LEU F 68 -6.41 24.64 18.15
CA LEU F 68 -6.94 23.64 19.07
C LEU F 68 -6.87 24.12 20.52
N GLU F 69 -7.99 24.63 21.02
CA GLU F 69 -8.06 25.19 22.37
C GLU F 69 -8.37 24.13 23.43
N VAL F 70 -7.57 24.09 24.49
CA VAL F 70 -7.91 23.28 25.67
C VAL F 70 -8.86 24.08 26.57
N LEU F 71 -9.79 23.36 27.19
CA LEU F 71 -10.86 23.98 27.97
C LEU F 71 -10.64 23.84 29.46
N VAL F 72 -9.79 22.90 29.85
CA VAL F 72 -9.43 22.67 31.25
C VAL F 72 -7.91 22.62 31.41
N ASP F 73 -7.42 22.95 32.60
CA ASP F 73 -6.00 22.82 32.92
C ASP F 73 -5.57 21.36 32.75
N GLY F 74 -4.26 21.10 32.70
CA GLY F 74 -3.79 19.73 32.73
C GLY F 74 -2.43 19.47 32.13
N THR F 75 -2.00 18.21 32.27
CA THR F 75 -0.80 17.69 31.62
C THR F 75 -1.21 17.15 30.25
N TYR F 76 -0.61 17.68 29.20
CA TYR F 76 -0.97 17.34 27.82
C TYR F 76 0.24 16.88 27.00
N PHE F 77 0.12 15.71 26.37
CA PHE F 77 1.06 15.29 25.34
C PHE F 77 0.55 15.82 23.99
N ILE F 78 1.38 16.57 23.27
CA ILE F 78 0.98 17.15 21.99
C ILE F 78 1.85 16.61 20.86
N TYR F 79 1.22 16.24 19.75
CA TYR F 79 1.96 15.70 18.60
C TYR F 79 1.43 16.24 17.29
N SER F 80 2.27 16.13 16.27
CA SER F 80 1.97 16.66 14.95
C SER F 80 2.83 15.99 13.88
N GLN F 81 2.29 15.88 12.68
CA GLN F 81 3.05 15.40 11.53
C GLN F 81 2.65 16.19 10.29
N VAL F 82 3.64 16.73 9.58
CA VAL F 82 3.40 17.47 8.36
C VAL F 82 4.10 16.74 7.21
N TYR F 83 3.35 16.48 6.15
CA TYR F 83 3.87 15.82 4.98
C TYR F 83 4.40 16.84 3.97
N TYR F 84 5.70 17.07 4.00
CA TYR F 84 6.38 17.92 3.02
C TYR F 84 6.40 17.31 1.63
N ILE F 85 6.00 18.11 0.64
CA ILE F 85 5.98 17.71 -0.77
C ILE F 85 7.03 18.49 -1.58
N ASN F 86 7.08 19.80 -1.35
CA ASN F 86 8.13 20.59 -1.96
C ASN F 86 8.52 21.83 -1.15
N PHE F 87 9.81 22.11 -1.15
CA PHE F 87 10.34 23.26 -0.45
C PHE F 87 11.73 23.62 -0.96
N THR F 88 12.30 24.70 -0.44
CA THR F 88 13.60 25.18 -0.90
C THR F 88 14.58 25.28 0.25
N ASP F 89 15.68 24.54 0.14
CA ASP F 89 16.79 24.53 1.11
C ASP F 89 16.47 23.77 2.41
N PHE F 90 15.59 24.31 3.24
CA PHE F 90 15.11 23.61 4.42
C PHE F 90 13.73 24.10 4.84
N ALA F 91 12.85 23.19 5.25
CA ALA F 91 11.52 23.56 5.70
C ALA F 91 11.32 23.29 7.19
N SER F 92 10.57 24.17 7.84
CA SER F 92 10.34 24.11 9.27
C SER F 92 8.88 24.43 9.55
N TYR F 93 8.30 23.72 10.52
CA TYR F 93 7.06 24.14 11.13
C TYR F 93 7.21 24.10 12.65
N GLU F 94 6.31 24.79 13.34
CA GLU F 94 6.34 24.90 14.78
C GLU F 94 4.96 24.52 15.33
N VAL F 95 4.96 23.75 16.41
CA VAL F 95 3.79 23.58 17.25
C VAL F 95 3.84 24.74 18.24
N VAL F 96 2.86 25.63 18.16
CA VAL F 96 2.84 26.83 19.01
C VAL F 96 1.70 26.79 20.03
N VAL F 97 1.92 27.45 21.16
CA VAL F 97 0.91 27.57 22.21
C VAL F 97 0.80 29.04 22.58
N ASP F 98 -0.36 29.63 22.31
CA ASP F 98 -0.56 31.08 22.38
C ASP F 98 0.48 31.83 21.55
N GLU F 99 0.76 31.28 20.37
CA GLU F 99 1.64 31.85 19.34
C GLU F 99 3.14 31.77 19.67
N LYS F 100 3.48 31.14 20.80
CA LYS F 100 4.88 30.93 21.19
C LYS F 100 5.30 29.52 20.76
N PRO F 101 6.46 29.37 20.14
CA PRO F 101 6.96 28.04 19.77
C PRO F 101 7.16 27.10 20.98
N PHE F 102 6.75 25.84 20.81
CA PHE F 102 6.92 24.80 21.81
C PHE F 102 7.79 23.68 21.21
N LEU F 103 7.40 23.17 20.05
CA LEU F 103 8.17 22.16 19.32
C LEU F 103 8.49 22.64 17.90
N GLN F 104 9.58 22.15 17.34
CA GLN F 104 9.97 22.45 15.95
C GLN F 104 10.30 21.17 15.20
N CYS F 105 9.89 21.10 13.93
CA CYS F 105 10.25 20.00 13.04
C CYS F 105 10.84 20.56 11.74
N THR F 106 12.01 20.06 11.34
CA THR F 106 12.75 20.61 10.21
C THR F 106 13.27 19.52 9.26
N ARG F 107 13.18 19.75 7.96
CA ARG F 107 13.83 18.88 6.95
C ARG F 107 14.65 19.73 5.98
N SER F 108 15.54 19.07 5.25
CA SER F 108 16.39 19.74 4.25
C SER F 108 16.26 19.11 2.86
N ILE F 109 16.80 19.79 1.86
CA ILE F 109 16.63 19.38 0.46
C ILE F 109 17.73 19.94 -0.44
N GLU F 110 18.26 19.14 -1.35
CA GLU F 110 19.21 19.67 -2.33
C GLU F 110 18.44 20.35 -3.46
N THR F 111 19.00 21.44 -3.95
CA THR F 111 18.39 22.26 -5.00
C THR F 111 17.82 21.40 -6.14
N GLY F 112 16.51 21.49 -6.33
CA GLY F 112 15.86 20.85 -7.48
C GLY F 112 15.41 19.42 -7.29
N LYS F 113 16.08 18.68 -6.40
CA LYS F 113 15.72 17.30 -6.10
C LYS F 113 14.38 17.26 -5.37
N THR F 114 13.75 16.10 -5.35
CA THR F 114 12.42 15.95 -4.77
C THR F 114 12.55 15.34 -3.35
N ASN F 115 12.01 16.03 -2.34
CA ASN F 115 12.01 15.49 -0.97
C ASN F 115 10.61 15.37 -0.33
N TYR F 116 9.92 14.29 -0.69
CA TYR F 116 8.66 13.92 -0.05
C TYR F 116 8.97 13.28 1.30
N ASN F 117 8.45 13.88 2.38
CA ASN F 117 8.92 13.54 3.71
C ASN F 117 7.94 13.90 4.83
N THR F 118 7.58 12.92 5.65
CA THR F 118 6.77 13.18 6.83
C THR F 118 7.63 13.63 8.00
N CYS F 119 7.32 14.81 8.52
CA CYS F 119 8.08 15.42 9.59
C CYS F 119 7.26 15.39 10.88
N TYR F 120 7.55 14.41 11.72
CA TYR F 120 6.84 14.21 12.99
C TYR F 120 7.62 14.84 14.13
N THR F 121 6.91 15.50 15.04
CA THR F 121 7.47 15.88 16.34
C THR F 121 6.40 15.81 17.44
N ALA F 122 6.85 15.70 18.69
CA ALA F 122 5.93 15.63 19.82
C ALA F 122 6.61 15.93 21.14
N GLY F 123 5.83 16.33 22.13
CA GLY F 123 6.33 16.56 23.47
C GLY F 123 5.23 16.86 24.46
N VAL F 124 5.57 16.85 25.74
CA VAL F 124 4.60 17.02 26.82
C VAL F 124 4.84 18.36 27.52
N CYS F 125 3.75 19.08 27.81
CA CYS F 125 3.80 20.30 28.61
C CYS F 125 2.57 20.48 29.48
N LEU F 126 2.68 21.35 30.48
CA LEU F 126 1.56 21.73 31.31
C LEU F 126 0.85 22.92 30.66
N LEU F 127 -0.48 22.84 30.55
CA LEU F 127 -1.30 23.93 30.03
C LEU F 127 -2.41 24.33 31.00
N LYS F 128 -2.89 25.55 30.83
CA LYS F 128 -4.06 26.05 31.54
C LYS F 128 -5.23 26.17 30.57
N ALA F 129 -6.41 26.41 31.12
CA ALA F 129 -7.61 26.54 30.29
C ALA F 129 -7.48 27.76 29.40
N ARG F 130 -8.11 27.69 28.23
CA ARG F 130 -8.13 28.77 27.23
C ARG F 130 -6.86 28.90 26.36
N GLN F 131 -5.80 28.13 26.65
CA GLN F 131 -4.59 28.19 25.82
C GLN F 131 -4.86 27.51 24.49
N LYS F 132 -4.25 28.04 23.42
CA LYS F 132 -4.55 27.62 22.04
C LYS F 132 -3.34 27.02 21.33
N ILE F 133 -3.48 25.79 20.85
CA ILE F 133 -2.39 25.09 20.17
C ILE F 133 -2.60 25.12 18.66
N ALA F 134 -1.52 25.30 17.90
CA ALA F 134 -1.60 25.36 16.45
C ALA F 134 -0.32 24.82 15.80
N VAL F 135 -0.45 24.31 14.59
CA VAL F 135 0.69 23.94 13.75
C VAL F 135 0.93 25.04 12.71
N LYS F 136 2.03 25.77 12.88
CA LYS F 136 2.35 26.95 12.09
C LYS F 136 3.57 26.69 11.22
N MET F 137 3.41 26.73 9.91
CA MET F 137 4.53 26.63 8.98
C MET F 137 5.37 27.90 9.08
N VAL F 138 6.68 27.73 9.22
CA VAL F 138 7.59 28.87 9.35
C VAL F 138 7.83 29.53 8.00
N HIS F 139 8.00 28.72 6.96
CA HIS F 139 8.43 29.21 5.66
C HIS F 139 7.30 29.23 4.64
N ALA F 140 7.25 30.30 3.86
CA ALA F 140 6.14 30.54 2.94
C ALA F 140 6.29 29.81 1.60
N ASP F 141 7.51 29.40 1.26
CA ASP F 141 7.76 28.65 0.02
C ASP F 141 7.56 27.12 0.16
N ILE F 142 6.81 26.69 1.18
CA ILE F 142 6.53 25.28 1.41
C ILE F 142 5.22 24.85 0.73
N SER F 143 5.22 23.63 0.18
CA SER F 143 3.99 22.94 -0.20
C SER F 143 3.90 21.66 0.63
N ILE F 144 2.68 21.28 1.00
CA ILE F 144 2.40 20.12 1.84
C ILE F 144 1.20 19.33 1.31
N ASN F 145 1.17 18.04 1.59
CA ASN F 145 0.01 17.21 1.30
C ASN F 145 -0.80 17.00 2.59
N MET F 146 -1.99 17.59 2.63
CA MET F 146 -2.88 17.48 3.78
C MET F 146 -3.72 16.19 3.75
N SER F 147 -3.12 15.06 3.40
CA SER F 147 -3.84 13.79 3.38
C SER F 147 -4.04 13.26 4.81
N LYS F 148 -5.15 12.57 5.05
CA LYS F 148 -5.58 12.24 6.42
C LYS F 148 -4.57 11.42 7.25
N HIS F 149 -3.74 10.61 6.58
CA HIS F 149 -2.79 9.74 7.28
C HIS F 149 -1.37 10.32 7.39
N THR F 150 -1.01 11.26 6.52
CA THR F 150 0.35 11.80 6.50
C THR F 150 0.47 13.10 7.28
N THR F 151 -0.63 13.84 7.37
CA THR F 151 -0.64 15.12 8.03
C THR F 151 -1.72 15.11 9.11
N PHE F 152 -1.28 15.26 10.35
CA PHE F 152 -2.21 15.18 11.48
C PHE F 152 -1.66 15.94 12.69
N PHE F 153 -2.51 16.11 13.69
CA PHE F 153 -2.27 17.00 14.81
C PHE F 153 -3.16 16.53 15.93
N GLY F 154 -2.57 16.10 17.03
CA GLY F 154 -3.33 15.54 18.12
C GLY F 154 -2.79 15.87 19.49
N ALA F 155 -3.55 15.52 20.52
CA ALA F 155 -3.16 15.78 21.89
C ALA F 155 -3.77 14.77 22.85
N ILE F 156 -3.11 14.55 23.98
CA ILE F 156 -3.59 13.65 25.02
C ILE F 156 -3.56 14.39 26.34
N ARG F 157 -4.72 14.54 26.98
CA ARG F 157 -4.77 14.97 28.36
C ARG F 157 -4.49 13.74 29.23
N LEU F 158 -3.24 13.62 29.68
CA LEU F 158 -2.82 12.49 30.49
C LEU F 158 -3.52 12.49 31.83
N GLY F 159 -3.54 13.65 32.48
CA GLY F 159 -4.27 13.84 33.72
C GLY F 159 -4.34 15.30 34.12
N GLU F 160 -4.41 15.55 35.42
CA GLU F 160 -4.31 16.89 35.96
C GLU F 160 -2.86 17.38 35.87
N ALA F 161 -2.66 18.68 36.05
CA ALA F 161 -1.32 19.25 36.21
C ALA F 161 -1.01 19.35 37.71
N PRO F 162 0.25 19.23 38.10
CA PRO F 162 0.63 19.41 39.53
C PRO F 162 0.32 20.81 40.05
#